data_1CR8
#
_entry.id   1CR8
#
_cell.length_a   1.000
_cell.length_b   1.000
_cell.length_c   1.000
_cell.angle_alpha   90.00
_cell.angle_beta   90.00
_cell.angle_gamma   90.00
#
_symmetry.space_group_name_H-M   'P 1'
#
loop_
_entity.id
_entity.type
_entity.pdbx_description
1 polymer 'PROTEIN (LOW DENSITY LIPOPROTEIN RECEPTOR RELATED PROTEIN)'
2 non-polymer 'CALCIUM ION'
#
_entity_poly.entity_id   1
_entity_poly.type   'polypeptide(L)'
_entity_poly.pdbx_seq_one_letter_code
;PGGCHTDEFQCRLDGLCIPLRWRCDGDTDCMDSSDEKSCEGV
;
_entity_poly.pdbx_strand_id   A
#
# COMPACT_ATOMS: atom_id res chain seq x y z
N PRO A 1 -0.84 4.26 0.02
CA PRO A 1 -1.38 5.61 0.21
C PRO A 1 -0.69 6.62 -0.71
N GLY A 2 -1.03 6.58 -2.01
CA GLY A 2 -0.47 7.42 -3.07
C GLY A 2 -0.86 8.91 -3.03
N GLY A 3 -1.01 9.48 -1.83
CA GLY A 3 -1.41 10.86 -1.58
C GLY A 3 -2.16 11.02 -0.25
N CYS A 4 -2.46 12.27 0.11
CA CYS A 4 -3.09 12.66 1.38
C CYS A 4 -4.50 13.24 1.17
N HIS A 5 -4.55 14.46 0.65
CA HIS A 5 -5.65 15.35 0.21
C HIS A 5 -5.05 16.21 -0.93
N THR A 6 -5.83 17.15 -1.51
CA THR A 6 -5.60 17.77 -2.83
C THR A 6 -4.17 18.19 -3.03
N ASP A 7 -3.43 17.43 -3.82
CA ASP A 7 -2.04 17.75 -4.16
C ASP A 7 -1.13 17.98 -2.92
N GLU A 8 -1.56 17.64 -1.70
CA GLU A 8 -0.81 17.77 -0.42
C GLU A 8 0.45 16.88 -0.38
N PHE A 9 1.36 17.15 0.56
CA PHE A 9 2.70 16.59 0.55
C PHE A 9 2.93 15.57 1.68
N GLN A 10 3.66 14.47 1.43
CA GLN A 10 3.93 13.50 2.51
C GLN A 10 5.43 13.31 2.78
N CYS A 11 5.80 13.41 4.06
CA CYS A 11 7.19 13.42 4.52
C CYS A 11 7.71 12.07 4.99
N ARG A 12 8.75 11.55 4.32
CA ARG A 12 9.25 10.18 4.48
C ARG A 12 10.09 9.99 5.76
N LEU A 13 10.34 11.05 6.52
CA LEU A 13 10.93 10.95 7.86
C LEU A 13 9.97 10.23 8.85
N ASP A 14 8.66 10.42 8.66
CA ASP A 14 7.66 10.32 9.73
C ASP A 14 6.28 9.89 9.21
N GLY A 15 5.82 10.44 8.08
CA GLY A 15 4.58 10.10 7.39
C GLY A 15 3.51 11.19 7.35
N LEU A 16 3.70 12.38 7.95
CA LEU A 16 2.64 13.39 8.00
C LEU A 16 2.34 14.00 6.62
N CYS A 17 1.20 14.70 6.52
CA CYS A 17 0.65 15.26 5.29
C CYS A 17 0.51 16.80 5.39
N ILE A 18 1.08 17.58 4.45
CA ILE A 18 1.12 19.06 4.57
C ILE A 18 0.58 19.83 3.34
N PRO A 19 -0.03 21.02 3.56
CA PRO A 19 -0.75 21.70 2.48
C PRO A 19 0.22 22.31 1.46
N LEU A 20 0.30 21.64 0.30
CA LEU A 20 1.47 21.70 -0.60
C LEU A 20 1.68 23.08 -1.27
N ARG A 21 0.66 23.95 -1.18
CA ARG A 21 0.78 25.40 -1.39
C ARG A 21 1.93 26.03 -0.57
N TRP A 22 2.41 25.34 0.47
CA TRP A 22 3.49 25.74 1.37
C TRP A 22 4.81 24.96 1.13
N ARG A 23 4.99 24.43 -0.10
CA ARG A 23 6.29 23.93 -0.57
C ARG A 23 7.24 24.93 -1.26
N CYS A 24 7.19 26.25 -0.99
CA CYS A 24 8.12 27.22 -1.60
C CYS A 24 8.04 28.63 -0.97
N ASP A 25 8.26 28.72 0.34
CA ASP A 25 7.93 29.88 1.19
C ASP A 25 9.09 30.26 2.13
N GLY A 26 9.93 29.29 2.51
CA GLY A 26 11.17 29.50 3.27
C GLY A 26 11.05 29.14 4.75
N ASP A 27 9.89 28.66 5.19
CA ASP A 27 9.67 27.99 6.47
C ASP A 27 8.74 26.78 6.22
N THR A 28 8.80 25.82 7.14
CA THR A 28 8.74 24.40 6.85
C THR A 28 7.63 23.74 7.66
N ASP A 29 6.53 23.46 6.99
CA ASP A 29 5.31 22.84 7.50
C ASP A 29 5.50 21.33 7.75
N CYS A 30 6.27 20.61 6.93
CA CYS A 30 6.68 19.23 7.24
C CYS A 30 7.55 19.13 8.50
N MET A 31 7.52 17.94 9.12
CA MET A 31 8.32 17.43 10.25
C MET A 31 9.86 17.50 10.06
N ASP A 32 10.36 18.03 8.94
CA ASP A 32 11.79 18.18 8.63
C ASP A 32 12.12 19.53 7.94
N SER A 33 11.67 19.72 6.68
CA SER A 33 12.20 20.69 5.69
C SER A 33 11.80 20.41 4.23
N SER A 34 11.33 19.19 3.92
CA SER A 34 11.17 18.63 2.56
C SER A 34 10.03 19.30 1.79
N ASP A 35 9.26 20.17 2.43
CA ASP A 35 8.53 21.26 1.78
C ASP A 35 9.42 21.90 0.71
N GLU A 36 10.63 22.31 1.11
CA GLU A 36 11.31 23.37 0.36
C GLU A 36 12.84 23.30 0.37
N LYS A 37 13.41 22.29 1.05
CA LYS A 37 14.79 21.76 0.84
C LYS A 37 15.07 21.27 -0.61
N SER A 38 14.18 21.56 -1.55
CA SER A 38 14.28 21.34 -3.00
C SER A 38 13.46 22.35 -3.82
N CYS A 39 13.10 23.52 -3.27
CA CYS A 39 12.37 24.59 -3.95
C CYS A 39 13.12 25.92 -3.83
N GLU A 40 14.30 25.94 -4.45
CA GLU A 40 15.10 27.15 -4.67
C GLU A 40 14.45 28.13 -5.66
N GLY A 41 15.00 29.35 -5.72
CA GLY A 41 14.78 30.28 -6.83
C GLY A 41 15.78 31.43 -6.76
N VAL A 42 16.11 32.02 -7.94
CA VAL A 42 17.01 33.16 -8.12
C VAL A 42 18.24 33.06 -7.21
N PRO A 1 2.71 -1.51 2.50
CA PRO A 1 2.77 -2.95 2.29
C PRO A 1 1.93 -3.74 3.29
N GLY A 2 1.26 -4.80 2.82
CA GLY A 2 0.37 -5.65 3.60
C GLY A 2 1.09 -6.70 4.44
N GLY A 3 1.75 -6.27 5.51
CA GLY A 3 2.33 -7.14 6.56
C GLY A 3 1.91 -6.69 7.95
N CYS A 4 1.94 -7.60 8.93
CA CYS A 4 1.40 -7.34 10.27
C CYS A 4 2.43 -6.76 11.26
N HIS A 5 3.65 -7.26 11.21
CA HIS A 5 4.78 -7.00 12.11
C HIS A 5 6.04 -7.56 11.43
N THR A 6 7.14 -7.73 12.18
CA THR A 6 8.55 -7.91 11.76
C THR A 6 8.94 -9.13 10.89
N ASP A 7 8.16 -9.38 9.84
CA ASP A 7 8.10 -10.47 8.83
C ASP A 7 6.68 -11.12 8.82
N GLU A 8 5.76 -10.66 9.67
CA GLU A 8 4.56 -11.40 10.13
C GLU A 8 3.36 -11.33 9.17
N PHE A 9 2.51 -12.37 9.22
CA PHE A 9 1.61 -12.74 8.15
C PHE A 9 0.16 -12.34 8.47
N GLN A 10 -0.60 -11.82 7.50
CA GLN A 10 -2.03 -11.54 7.71
C GLN A 10 -2.90 -12.66 7.13
N CYS A 11 -3.73 -13.24 7.99
CA CYS A 11 -4.76 -14.19 7.61
C CYS A 11 -5.76 -13.55 6.61
N ARG A 12 -6.25 -14.36 5.66
CA ARG A 12 -7.15 -13.94 4.58
C ARG A 12 -8.64 -14.05 4.93
N LEU A 13 -8.96 -14.60 6.11
CA LEU A 13 -10.32 -14.86 6.56
C LEU A 13 -10.67 -13.96 7.75
N ASP A 14 -10.08 -14.22 8.92
CA ASP A 14 -10.26 -13.43 10.14
C ASP A 14 -9.55 -12.06 10.09
N GLY A 15 -8.41 -12.00 9.38
CA GLY A 15 -7.50 -10.86 9.40
C GLY A 15 -6.41 -10.94 10.48
N LEU A 16 -6.36 -12.00 11.31
CA LEU A 16 -5.36 -12.11 12.38
C LEU A 16 -3.92 -12.25 11.85
N CYS A 17 -2.94 -12.04 12.74
CA CYS A 17 -1.55 -11.72 12.41
C CYS A 17 -0.56 -12.72 13.03
N ILE A 18 0.28 -13.41 12.22
CA ILE A 18 1.01 -14.60 12.71
C ILE A 18 2.53 -14.62 12.41
N PRO A 19 3.34 -15.24 13.29
CA PRO A 19 4.80 -15.24 13.14
C PRO A 19 5.24 -16.12 11.97
N LEU A 20 5.64 -15.46 10.87
CA LEU A 20 5.63 -16.00 9.49
C LEU A 20 6.67 -17.11 9.24
N ARG A 21 7.61 -17.30 10.18
CA ARG A 21 8.34 -18.56 10.34
C ARG A 21 7.44 -19.80 10.45
N TRP A 22 6.14 -19.65 10.73
CA TRP A 22 5.11 -20.70 10.78
C TRP A 22 4.23 -20.75 9.49
N ARG A 23 4.77 -20.21 8.38
CA ARG A 23 4.26 -20.54 7.03
C ARG A 23 4.81 -21.83 6.39
N CYS A 24 5.32 -22.82 7.14
CA CYS A 24 5.76 -24.11 6.60
C CYS A 24 6.08 -25.16 7.69
N ASP A 25 5.07 -25.82 8.28
CA ASP A 25 5.23 -26.55 9.55
C ASP A 25 4.37 -27.81 9.67
N GLY A 26 3.08 -27.72 9.36
CA GLY A 26 2.12 -28.82 9.37
C GLY A 26 0.76 -28.47 9.96
N ASP A 27 0.63 -27.34 10.66
CA ASP A 27 -0.60 -26.76 11.15
C ASP A 27 -0.52 -25.23 11.08
N THR A 28 -1.68 -24.61 11.30
CA THR A 28 -2.18 -23.44 10.59
C THR A 28 -2.64 -22.37 11.58
N ASP A 29 -1.79 -21.37 11.76
CA ASP A 29 -1.94 -20.21 12.62
C ASP A 29 -3.08 -19.29 12.13
N CYS A 30 -3.15 -18.96 10.82
CA CYS A 30 -4.33 -18.35 10.19
C CYS A 30 -5.55 -19.28 10.24
N MET A 31 -6.71 -18.72 10.62
CA MET A 31 -8.05 -19.35 10.67
C MET A 31 -8.44 -20.16 9.42
N ASP A 32 -7.89 -19.82 8.25
CA ASP A 32 -7.98 -20.59 7.01
C ASP A 32 -6.89 -21.70 7.00
N SER A 33 -5.82 -21.55 6.23
CA SER A 33 -4.62 -22.42 6.16
C SER A 33 -3.47 -21.77 5.37
N SER A 34 -3.63 -20.50 5.00
CA SER A 34 -2.85 -19.76 4.01
C SER A 34 -1.59 -19.15 4.59
N ASP A 35 -1.30 -19.43 5.87
CA ASP A 35 0.04 -19.71 6.34
C ASP A 35 0.80 -20.46 5.24
N GLU A 36 0.34 -21.68 4.93
CA GLU A 36 1.27 -22.74 4.53
C GLU A 36 0.71 -23.67 3.46
N LYS A 37 -0.52 -23.42 2.98
CA LYS A 37 -1.17 -24.02 1.79
C LYS A 37 -0.45 -23.76 0.45
N SER A 38 0.87 -23.53 0.47
CA SER A 38 1.75 -23.34 -0.69
C SER A 38 3.23 -23.58 -0.30
N CYS A 39 3.49 -24.52 0.62
CA CYS A 39 4.85 -24.93 1.03
C CYS A 39 5.08 -26.46 0.94
N GLU A 40 4.11 -27.16 0.38
CA GLU A 40 4.09 -28.61 0.15
C GLU A 40 5.32 -29.12 -0.65
N GLY A 41 5.61 -30.41 -0.51
CA GLY A 41 6.77 -31.06 -1.14
C GLY A 41 8.08 -30.73 -0.43
N VAL A 42 8.52 -29.47 -0.51
CA VAL A 42 9.74 -28.96 0.15
C VAL A 42 9.64 -27.45 0.36
N PRO A 1 -0.90 4.38 -3.04
CA PRO A 1 -2.35 4.33 -2.94
C PRO A 1 -3.03 4.94 -4.18
N GLY A 2 -4.34 4.72 -4.30
CA GLY A 2 -5.18 5.24 -5.38
C GLY A 2 -6.59 4.66 -5.33
N GLY A 3 -6.73 3.37 -5.64
CA GLY A 3 -8.01 2.67 -5.62
C GLY A 3 -8.72 2.67 -6.97
N CYS A 4 -10.00 2.26 -6.95
CA CYS A 4 -10.81 1.96 -8.12
C CYS A 4 -12.13 2.75 -8.13
N HIS A 5 -12.98 2.46 -7.16
CA HIS A 5 -14.30 3.00 -6.85
C HIS A 5 -14.65 2.53 -5.43
N THR A 6 -15.88 2.83 -4.99
CA THR A 6 -16.27 2.90 -3.57
C THR A 6 -15.81 1.69 -2.80
N ASP A 7 -14.78 1.84 -1.98
CA ASP A 7 -14.26 0.78 -1.12
C ASP A 7 -13.93 -0.53 -1.87
N GLU A 8 -13.90 -0.54 -3.21
CA GLU A 8 -13.63 -1.70 -4.10
C GLU A 8 -12.13 -2.09 -4.09
N PHE A 9 -11.76 -3.24 -4.70
CA PHE A 9 -10.45 -3.85 -4.55
C PHE A 9 -9.58 -3.70 -5.80
N GLN A 10 -8.28 -3.41 -5.62
CA GLN A 10 -7.33 -3.49 -6.74
C GLN A 10 -6.42 -4.71 -6.65
N CYS A 11 -6.56 -5.60 -7.62
CA CYS A 11 -5.78 -6.81 -7.84
C CYS A 11 -4.28 -6.49 -7.94
N ARG A 12 -3.45 -7.02 -7.03
CA ARG A 12 -2.01 -6.75 -7.00
C ARG A 12 -1.27 -7.37 -8.17
N LEU A 13 -1.87 -8.37 -8.82
CA LEU A 13 -1.31 -9.08 -9.97
C LEU A 13 -1.45 -8.27 -11.27
N ASP A 14 -2.69 -7.85 -11.56
CA ASP A 14 -3.12 -7.31 -12.86
C ASP A 14 -3.49 -5.82 -12.81
N GLY A 15 -3.73 -5.28 -11.61
CA GLY A 15 -4.27 -3.93 -11.42
C GLY A 15 -5.79 -3.82 -11.62
N LEU A 16 -6.48 -4.94 -11.91
CA LEU A 16 -7.93 -5.00 -12.13
C LEU A 16 -8.73 -4.68 -10.84
N CYS A 17 -9.95 -4.17 -11.01
CA CYS A 17 -10.74 -3.48 -9.99
C CYS A 17 -12.07 -4.20 -9.68
N ILE A 18 -12.32 -4.65 -8.43
CA ILE A 18 -13.47 -5.54 -8.14
C ILE A 18 -14.34 -5.18 -6.91
N PRO A 19 -15.64 -5.53 -6.91
CA PRO A 19 -16.54 -5.11 -5.84
C PRO A 19 -16.27 -5.82 -4.51
N LEU A 20 -15.73 -5.08 -3.54
CA LEU A 20 -14.99 -5.61 -2.37
C LEU A 20 -15.88 -6.25 -1.29
N ARG A 21 -17.19 -6.05 -1.39
CA ARG A 21 -18.17 -7.04 -0.89
C ARG A 21 -17.88 -8.52 -1.30
N TRP A 22 -16.99 -8.80 -2.26
CA TRP A 22 -16.50 -10.10 -2.74
C TRP A 22 -14.97 -10.32 -2.44
N ARG A 23 -14.37 -9.56 -1.50
CA ARG A 23 -13.11 -9.96 -0.82
C ARG A 23 -13.30 -10.98 0.35
N CYS A 24 -14.40 -11.73 0.37
CA CYS A 24 -14.69 -12.83 1.31
C CYS A 24 -16.04 -13.51 0.98
N ASP A 25 -16.08 -14.24 -0.13
CA ASP A 25 -17.22 -15.04 -0.61
C ASP A 25 -16.80 -16.46 -1.01
N GLY A 26 -15.60 -16.62 -1.59
CA GLY A 26 -15.04 -17.86 -2.10
C GLY A 26 -14.39 -17.75 -3.49
N ASP A 27 -14.65 -16.72 -4.31
CA ASP A 27 -14.17 -16.64 -5.70
C ASP A 27 -13.02 -15.64 -5.94
N THR A 28 -12.01 -16.08 -6.70
CA THR A 28 -10.92 -15.19 -7.10
C THR A 28 -11.36 -14.21 -8.21
N ASP A 29 -12.07 -13.14 -7.86
CA ASP A 29 -12.42 -12.01 -8.73
C ASP A 29 -11.15 -11.34 -9.28
N CYS A 30 -10.12 -11.13 -8.45
CA CYS A 30 -8.76 -10.79 -8.88
C CYS A 30 -8.06 -11.98 -9.55
N MET A 31 -7.28 -11.69 -10.60
CA MET A 31 -6.46 -12.62 -11.41
C MET A 31 -5.56 -13.59 -10.62
N ASP A 32 -5.26 -13.30 -9.35
CA ASP A 32 -4.58 -14.21 -8.43
C ASP A 32 -5.59 -14.90 -7.48
N SER A 33 -5.80 -14.32 -6.30
CA SER A 33 -6.50 -14.93 -5.15
C SER A 33 -6.77 -13.93 -4.01
N SER A 34 -6.32 -12.70 -4.20
CA SER A 34 -6.07 -11.66 -3.20
C SER A 34 -7.34 -10.89 -2.83
N ASP A 35 -8.47 -11.25 -3.46
CA ASP A 35 -9.77 -11.21 -2.81
C ASP A 35 -9.66 -11.76 -1.38
N GLU A 36 -9.27 -13.03 -1.26
CA GLU A 36 -9.74 -13.81 -0.10
C GLU A 36 -8.81 -14.94 0.38
N LYS A 37 -7.61 -15.09 -0.18
CA LYS A 37 -6.49 -15.87 0.39
C LYS A 37 -5.99 -15.39 1.78
N SER A 38 -6.78 -14.62 2.53
CA SER A 38 -6.60 -14.35 3.95
C SER A 38 -7.94 -14.25 4.71
N CYS A 39 -9.03 -14.82 4.19
CA CYS A 39 -10.35 -14.85 4.85
C CYS A 39 -10.79 -16.25 5.29
N GLU A 40 -9.91 -17.25 5.17
CA GLU A 40 -10.10 -18.60 5.70
C GLU A 40 -10.23 -18.57 7.23
N GLY A 41 -11.17 -19.35 7.79
CA GLY A 41 -11.39 -19.39 9.24
C GLY A 41 -12.35 -20.50 9.67
N VAL A 42 -12.56 -20.62 10.99
CA VAL A 42 -13.38 -21.66 11.62
C VAL A 42 -14.33 -21.06 12.66
N PRO A 1 -1.58 1.14 -3.75
CA PRO A 1 -2.03 0.40 -4.93
C PRO A 1 -2.50 1.36 -6.04
N GLY A 2 -2.67 0.84 -7.26
CA GLY A 2 -3.02 1.59 -8.48
C GLY A 2 -4.45 2.17 -8.53
N GLY A 3 -5.12 2.33 -7.40
CA GLY A 3 -6.46 2.90 -7.25
C GLY A 3 -6.84 3.03 -5.78
N CYS A 4 -7.84 3.87 -5.47
CA CYS A 4 -8.10 4.34 -4.12
C CYS A 4 -9.40 3.74 -3.52
N HIS A 5 -10.54 4.19 -4.03
CA HIS A 5 -11.95 3.86 -3.82
C HIS A 5 -12.66 4.14 -5.18
N THR A 6 -13.99 4.01 -5.26
CA THR A 6 -14.79 3.90 -6.50
C THR A 6 -14.35 4.88 -7.58
N ASP A 7 -13.60 4.39 -8.56
CA ASP A 7 -13.11 5.20 -9.68
C ASP A 7 -12.38 6.49 -9.25
N GLU A 8 -12.04 6.67 -7.97
CA GLU A 8 -11.29 7.82 -7.41
C GLU A 8 -9.86 7.87 -7.95
N PHE A 9 -9.23 9.05 -7.86
CA PHE A 9 -8.01 9.34 -8.60
C PHE A 9 -6.79 9.27 -7.69
N GLN A 10 -5.68 8.68 -8.14
CA GLN A 10 -4.40 8.87 -7.43
C GLN A 10 -3.46 9.72 -8.28
N CYS A 11 -2.91 10.77 -7.67
CA CYS A 11 -1.97 11.65 -8.33
C CYS A 11 -0.54 11.10 -8.43
N ARG A 12 0.31 11.83 -9.18
CA ARG A 12 1.74 11.52 -9.40
C ARG A 12 2.73 12.45 -8.69
N LEU A 13 2.27 13.58 -8.14
CA LEU A 13 3.09 14.58 -7.44
C LEU A 13 3.62 14.04 -6.11
N ASP A 14 2.74 13.30 -5.43
CA ASP A 14 2.86 12.81 -4.07
C ASP A 14 2.23 11.40 -4.04
N GLY A 15 0.89 11.32 -4.14
CA GLY A 15 0.15 10.08 -4.14
C GLY A 15 -1.26 10.14 -3.52
N LEU A 16 -1.84 11.33 -3.30
CA LEU A 16 -3.14 11.48 -2.66
C LEU A 16 -4.30 11.02 -3.55
N CYS A 17 -5.42 10.68 -2.91
CA CYS A 17 -6.60 10.04 -3.50
C CYS A 17 -7.80 11.00 -3.55
N ILE A 18 -8.40 11.28 -4.73
CA ILE A 18 -9.45 12.32 -4.85
C ILE A 18 -10.74 11.91 -5.62
N PRO A 19 -11.91 12.49 -5.26
CA PRO A 19 -13.20 12.00 -5.75
C PRO A 19 -13.49 12.38 -7.19
N LEU A 20 -13.28 11.41 -8.10
CA LEU A 20 -12.95 11.63 -9.52
C LEU A 20 -14.12 12.21 -10.34
N ARG A 21 -15.35 12.10 -9.82
CA ARG A 21 -16.49 12.95 -10.24
C ARG A 21 -16.13 14.44 -10.36
N TRP A 22 -15.09 14.91 -9.67
CA TRP A 22 -14.63 16.30 -9.62
C TRP A 22 -13.32 16.57 -10.38
N ARG A 23 -12.79 15.63 -11.21
CA ARG A 23 -11.73 15.82 -12.20
C ARG A 23 -12.21 16.37 -13.56
N CYS A 24 -13.08 17.37 -13.55
CA CYS A 24 -13.61 18.03 -14.76
C CYS A 24 -14.51 19.24 -14.41
N ASP A 25 -14.33 19.80 -13.22
CA ASP A 25 -15.16 20.79 -12.58
C ASP A 25 -14.71 22.23 -12.83
N GLY A 26 -13.48 22.41 -13.31
CA GLY A 26 -12.87 23.70 -13.64
C GLY A 26 -11.77 24.14 -12.66
N ASP A 27 -11.56 23.41 -11.57
CA ASP A 27 -10.45 23.55 -10.62
C ASP A 27 -9.98 22.14 -10.20
N THR A 28 -8.88 22.07 -9.43
CA THR A 28 -7.95 20.96 -9.34
C THR A 28 -7.81 20.46 -7.89
N ASP A 29 -8.46 19.32 -7.62
CA ASP A 29 -8.53 18.60 -6.36
C ASP A 29 -7.20 17.97 -5.92
N CYS A 30 -6.42 17.35 -6.83
CA CYS A 30 -5.06 16.90 -6.51
C CYS A 30 -4.13 18.08 -6.17
N MET A 31 -3.07 17.78 -5.40
CA MET A 31 -1.86 18.54 -5.06
C MET A 31 -1.02 19.08 -6.26
N ASP A 32 -1.58 19.06 -7.47
CA ASP A 32 -0.98 19.48 -8.73
C ASP A 32 -2.04 20.17 -9.61
N SER A 33 -2.59 19.43 -10.58
CA SER A 33 -3.38 19.88 -11.72
C SER A 33 -4.00 18.72 -12.52
N SER A 34 -3.60 17.49 -12.18
CA SER A 34 -3.59 16.28 -13.00
C SER A 34 -4.92 15.52 -12.88
N ASP A 35 -5.80 16.06 -12.04
CA ASP A 35 -7.23 16.10 -12.26
C ASP A 35 -7.58 16.29 -13.73
N GLU A 36 -7.29 17.48 -14.23
CA GLU A 36 -8.09 18.02 -15.34
C GLU A 36 -7.30 18.84 -16.36
N LYS A 37 -5.96 18.89 -16.19
CA LYS A 37 -4.95 19.12 -17.24
C LYS A 37 -5.07 18.23 -18.50
N SER A 38 -6.08 17.37 -18.58
CA SER A 38 -6.44 16.53 -19.72
C SER A 38 -7.95 16.26 -19.88
N CYS A 39 -8.83 16.96 -19.13
CA CYS A 39 -10.30 16.75 -19.22
C CYS A 39 -10.92 17.66 -20.30
N GLU A 40 -10.29 17.67 -21.48
CA GLU A 40 -10.58 18.50 -22.66
C GLU A 40 -10.74 19.99 -22.31
N GLY A 41 -9.61 20.67 -22.11
CA GLY A 41 -9.53 22.07 -21.72
C GLY A 41 -8.12 22.63 -21.90
N VAL A 42 -7.95 23.92 -21.55
CA VAL A 42 -6.72 24.72 -21.73
C VAL A 42 -5.98 24.40 -23.03
N PRO A 1 -0.65 5.35 -1.90
CA PRO A 1 -1.31 6.48 -1.25
C PRO A 1 -2.80 6.58 -1.67
N GLY A 2 -3.62 5.66 -1.16
CA GLY A 2 -5.06 5.60 -1.39
C GLY A 2 -5.82 5.15 -0.14
N GLY A 3 -6.74 4.19 -0.31
CA GLY A 3 -7.64 3.72 0.76
C GLY A 3 -8.97 4.47 0.78
N CYS A 4 -9.74 4.28 1.86
CA CYS A 4 -11.12 4.74 2.01
C CYS A 4 -11.29 5.61 3.27
N HIS A 5 -11.24 4.95 4.44
CA HIS A 5 -11.21 5.40 5.83
C HIS A 5 -10.32 4.37 6.58
N THR A 6 -10.24 4.46 7.93
CA THR A 6 -9.18 3.84 8.76
C THR A 6 -8.96 2.39 8.42
N ASP A 7 -7.86 2.11 7.71
CA ASP A 7 -7.51 0.75 7.33
C ASP A 7 -8.64 -0.03 6.61
N GLU A 8 -9.70 0.64 6.13
CA GLU A 8 -10.85 0.07 5.38
C GLU A 8 -10.41 -0.48 4.01
N PHE A 9 -11.24 -1.34 3.40
CA PHE A 9 -10.85 -2.15 2.27
C PHE A 9 -11.42 -1.59 0.97
N GLN A 10 -10.61 -1.43 -0.07
CA GLN A 10 -11.15 -1.03 -1.39
C GLN A 10 -11.12 -2.21 -2.35
N CYS A 11 -12.31 -2.65 -2.76
CA CYS A 11 -12.43 -3.82 -3.61
C CYS A 11 -11.99 -3.58 -5.06
N ARG A 12 -11.87 -4.68 -5.82
CA ARG A 12 -11.31 -4.69 -7.19
C ARG A 12 -12.35 -5.03 -8.28
N LEU A 13 -13.59 -5.35 -7.90
CA LEU A 13 -14.72 -5.51 -8.82
C LEU A 13 -15.27 -4.13 -9.22
N ASP A 14 -15.89 -3.43 -8.27
CA ASP A 14 -16.59 -2.15 -8.48
C ASP A 14 -15.97 -0.99 -7.67
N GLY A 15 -14.85 -1.23 -6.96
CA GLY A 15 -14.08 -0.17 -6.30
C GLY A 15 -14.63 0.30 -4.95
N LEU A 16 -15.63 -0.39 -4.38
CA LEU A 16 -16.28 0.07 -3.15
C LEU A 16 -15.47 -0.22 -1.87
N CYS A 17 -15.83 0.46 -0.79
CA CYS A 17 -15.08 0.59 0.45
C CYS A 17 -15.75 -0.16 1.63
N ILE A 18 -15.05 -1.10 2.30
CA ILE A 18 -15.66 -1.87 3.41
C ILE A 18 -14.88 -1.92 4.74
N PRO A 19 -15.60 -1.98 5.88
CA PRO A 19 -14.96 -1.90 7.21
C PRO A 19 -14.14 -3.14 7.54
N LEU A 20 -12.81 -2.98 7.43
CA LEU A 20 -11.84 -4.08 7.19
C LEU A 20 -11.63 -5.01 8.40
N ARG A 21 -12.11 -4.58 9.57
CA ARG A 21 -12.44 -5.50 10.67
C ARG A 21 -13.31 -6.70 10.23
N TRP A 22 -13.94 -6.67 9.05
CA TRP A 22 -14.74 -7.75 8.46
C TRP A 22 -14.05 -8.45 7.25
N ARG A 23 -12.71 -8.41 7.17
CA ARG A 23 -11.94 -9.30 6.28
C ARG A 23 -11.58 -10.71 6.81
N CYS A 24 -12.26 -11.24 7.84
CA CYS A 24 -11.95 -12.55 8.47
C CYS A 24 -13.11 -13.08 9.34
N ASP A 25 -14.27 -13.34 8.72
CA ASP A 25 -15.55 -13.69 9.35
C ASP A 25 -16.35 -14.66 8.49
N GLY A 26 -16.41 -14.38 7.19
CA GLY A 26 -17.10 -15.18 6.18
C GLY A 26 -18.22 -14.44 5.46
N ASP A 27 -18.48 -13.15 5.74
CA ASP A 27 -19.43 -12.38 4.96
C ASP A 27 -18.71 -11.72 3.76
N THR A 28 -19.12 -12.10 2.55
CA THR A 28 -18.63 -11.42 1.35
C THR A 28 -19.29 -10.03 1.28
N ASP A 29 -18.76 -9.08 2.05
CA ASP A 29 -19.37 -7.79 2.35
C ASP A 29 -18.85 -6.66 1.44
N CYS A 30 -17.70 -6.83 0.77
CA CYS A 30 -17.47 -6.28 -0.58
C CYS A 30 -18.42 -6.95 -1.62
N MET A 31 -18.57 -6.30 -2.77
CA MET A 31 -19.29 -6.69 -3.99
C MET A 31 -19.08 -8.13 -4.52
N ASP A 32 -18.01 -8.84 -4.12
CA ASP A 32 -17.72 -10.20 -4.61
C ASP A 32 -17.42 -11.23 -3.48
N SER A 33 -16.28 -11.08 -2.80
CA SER A 33 -15.61 -12.14 -2.01
C SER A 33 -14.31 -11.69 -1.32
N SER A 34 -13.79 -10.52 -1.67
CA SER A 34 -12.38 -10.19 -1.50
C SER A 34 -12.10 -9.64 -0.10
N ASP A 35 -13.13 -9.51 0.74
CA ASP A 35 -13.01 -9.58 2.18
C ASP A 35 -12.09 -10.73 2.55
N GLU A 36 -12.43 -11.94 2.11
CA GLU A 36 -11.99 -13.13 2.85
C GLU A 36 -11.91 -14.43 2.06
N LYS A 37 -11.93 -14.36 0.72
CA LYS A 37 -11.44 -15.41 -0.20
C LYS A 37 -9.96 -15.84 0.03
N SER A 38 -9.36 -15.50 1.18
CA SER A 38 -8.07 -15.93 1.71
C SER A 38 -7.98 -15.79 3.25
N CYS A 39 -9.11 -15.71 3.96
CA CYS A 39 -9.18 -15.78 5.43
C CYS A 39 -10.28 -16.76 5.86
N GLU A 40 -9.98 -18.05 5.67
CA GLU A 40 -10.89 -19.20 5.87
C GLU A 40 -12.11 -19.15 4.93
N GLY A 41 -13.23 -19.79 5.31
CA GLY A 41 -14.47 -19.88 4.53
C GLY A 41 -14.38 -20.83 3.33
N VAL A 42 -13.48 -20.52 2.38
CA VAL A 42 -13.14 -21.25 1.15
C VAL A 42 -14.31 -22.04 0.57
N PRO A 1 1.04 2.80 -5.67
CA PRO A 1 1.05 3.28 -7.06
C PRO A 1 -0.22 2.87 -7.81
N GLY A 2 -0.50 3.55 -8.94
CA GLY A 2 -1.71 3.33 -9.75
C GLY A 2 -1.64 2.12 -10.71
N GLY A 3 -0.50 1.42 -10.78
CA GLY A 3 -0.29 0.29 -11.69
C GLY A 3 0.06 0.72 -13.12
N CYS A 4 0.12 -0.27 -14.02
CA CYS A 4 0.59 -0.13 -15.41
C CYS A 4 -0.41 -0.78 -16.40
N HIS A 5 -0.44 -2.10 -16.40
CA HIS A 5 -1.30 -3.09 -17.07
C HIS A 5 -1.48 -4.25 -16.06
N THR A 6 -2.19 -5.31 -16.47
CA THR A 6 -2.84 -6.30 -15.58
C THR A 6 -1.88 -6.82 -14.53
N ASP A 7 -2.05 -6.33 -13.29
CA ASP A 7 -1.25 -6.77 -12.16
C ASP A 7 0.29 -6.66 -12.40
N GLU A 8 0.74 -5.91 -13.43
CA GLU A 8 2.16 -5.66 -13.80
C GLU A 8 2.92 -4.87 -12.71
N PHE A 9 4.26 -4.84 -12.83
CA PHE A 9 5.13 -4.26 -11.82
C PHE A 9 5.60 -2.87 -12.22
N GLN A 10 5.52 -1.89 -11.32
CA GLN A 10 6.15 -0.57 -11.57
C GLN A 10 7.36 -0.39 -10.67
N CYS A 11 8.55 -0.19 -11.27
CA CYS A 11 9.78 -0.02 -10.49
C CYS A 11 9.97 1.41 -9.98
N ARG A 12 10.60 1.54 -8.80
CA ARG A 12 10.81 2.82 -8.12
C ARG A 12 12.15 3.49 -8.47
N LEU A 13 13.06 2.77 -9.12
CA LEU A 13 14.34 3.32 -9.59
C LEU A 13 14.14 4.37 -10.69
N ASP A 14 13.17 4.15 -11.56
CA ASP A 14 13.05 4.80 -12.87
C ASP A 14 11.58 5.06 -13.26
N GLY A 15 10.70 4.07 -13.07
CA GLY A 15 9.27 4.14 -13.31
C GLY A 15 8.70 3.13 -14.32
N LEU A 16 9.50 2.22 -14.91
CA LEU A 16 9.04 1.34 -15.99
C LEU A 16 8.05 0.26 -15.50
N CYS A 17 7.39 -0.41 -16.44
CA CYS A 17 6.30 -1.36 -16.21
C CYS A 17 6.68 -2.77 -16.71
N ILE A 18 6.68 -3.81 -15.85
CA ILE A 18 7.10 -5.18 -16.28
C ILE A 18 6.08 -6.31 -15.99
N PRO A 19 6.02 -7.34 -16.85
CA PRO A 19 4.96 -8.34 -16.76
C PRO A 19 5.14 -9.24 -15.54
N LEU A 20 4.29 -9.03 -14.53
CA LEU A 20 4.58 -9.42 -13.13
C LEU A 20 4.51 -10.93 -12.86
N ARG A 21 4.05 -11.73 -13.82
CA ARG A 21 4.51 -13.13 -13.95
C ARG A 21 6.04 -13.32 -13.77
N TRP A 22 6.85 -12.27 -13.97
CA TRP A 22 8.31 -12.26 -13.87
C TRP A 22 8.84 -11.48 -12.63
N ARG A 23 7.97 -11.21 -11.64
CA ARG A 23 8.39 -11.12 -10.23
C ARG A 23 8.32 -12.51 -9.58
N CYS A 24 9.48 -13.17 -9.43
CA CYS A 24 9.83 -14.42 -8.71
C CYS A 24 10.45 -15.50 -9.65
N ASP A 25 11.38 -15.11 -10.54
CA ASP A 25 12.22 -16.03 -11.32
C ASP A 25 13.70 -15.87 -10.97
N GLY A 26 14.28 -14.71 -11.29
CA GLY A 26 15.71 -14.46 -11.24
C GLY A 26 16.22 -13.59 -12.39
N ASP A 27 15.36 -13.13 -13.32
CA ASP A 27 15.74 -12.09 -14.26
C ASP A 27 15.44 -10.73 -13.63
N THR A 28 16.50 -9.94 -13.40
CA THR A 28 16.34 -8.57 -12.94
C THR A 28 15.85 -7.73 -14.14
N ASP A 29 14.56 -7.86 -14.44
CA ASP A 29 13.93 -7.47 -15.70
C ASP A 29 13.20 -6.11 -15.61
N CYS A 30 12.91 -5.60 -14.41
CA CYS A 30 12.88 -4.16 -14.16
C CYS A 30 14.28 -3.52 -14.38
N MET A 31 14.35 -2.18 -14.49
CA MET A 31 15.55 -1.34 -14.56
C MET A 31 16.58 -1.51 -13.42
N ASP A 32 16.31 -2.36 -12.41
CA ASP A 32 17.21 -2.68 -11.30
C ASP A 32 17.30 -4.20 -11.04
N SER A 33 16.26 -4.81 -10.43
CA SER A 33 16.27 -6.11 -9.69
C SER A 33 15.10 -6.34 -8.72
N SER A 34 14.13 -5.43 -8.66
CA SER A 34 13.04 -5.42 -7.68
C SER A 34 11.91 -6.36 -8.09
N ASP A 35 12.06 -7.01 -9.26
CA ASP A 35 11.45 -8.29 -9.59
C ASP A 35 11.54 -9.26 -8.41
N GLU A 36 12.77 -9.50 -7.93
CA GLU A 36 13.02 -10.66 -7.05
C GLU A 36 14.13 -10.48 -6.00
N LYS A 37 14.48 -9.24 -5.66
CA LYS A 37 15.33 -8.90 -4.50
C LYS A 37 14.86 -9.41 -3.12
N SER A 38 13.73 -10.13 -3.09
CA SER A 38 13.17 -10.87 -1.95
C SER A 38 12.45 -12.18 -2.37
N CYS A 39 12.74 -12.74 -3.55
CA CYS A 39 12.05 -13.92 -4.11
C CYS A 39 12.96 -14.78 -5.00
N GLU A 40 13.99 -15.36 -4.39
CA GLU A 40 15.05 -16.14 -5.07
C GLU A 40 15.16 -17.57 -4.48
N GLY A 41 15.61 -18.53 -5.29
CA GLY A 41 15.82 -19.94 -4.95
C GLY A 41 14.58 -20.67 -4.44
N VAL A 42 14.38 -20.66 -3.13
CA VAL A 42 13.26 -21.32 -2.42
C VAL A 42 13.11 -20.72 -1.02
N PRO A 1 1.35 6.61 -1.74
CA PRO A 1 -0.09 6.92 -1.88
C PRO A 1 -0.43 8.26 -2.56
N GLY A 2 0.51 8.87 -3.29
CA GLY A 2 0.35 10.13 -4.02
C GLY A 2 -0.20 9.99 -5.44
N GLY A 3 -0.33 8.75 -5.94
CA GLY A 3 -0.81 8.43 -7.29
C GLY A 3 0.25 7.73 -8.15
N CYS A 4 -0.16 7.33 -9.36
CA CYS A 4 0.63 6.51 -10.29
C CYS A 4 1.41 7.35 -11.33
N HIS A 5 0.65 8.02 -12.19
CA HIS A 5 0.97 8.84 -13.36
C HIS A 5 -0.36 9.51 -13.75
N THR A 6 -0.38 10.24 -14.88
CA THR A 6 -1.38 11.26 -15.21
C THR A 6 -2.78 10.70 -15.09
N ASP A 7 -3.46 11.05 -13.99
CA ASP A 7 -4.83 10.61 -13.74
C ASP A 7 -5.01 9.07 -13.83
N GLU A 8 -3.92 8.28 -13.82
CA GLU A 8 -3.89 6.79 -13.88
C GLU A 8 -4.51 6.13 -12.63
N PHE A 9 -4.82 4.83 -12.70
CA PHE A 9 -5.60 4.14 -11.69
C PHE A 9 -4.72 3.23 -10.81
N GLN A 10 -4.94 3.22 -9.49
CA GLN A 10 -4.32 2.17 -8.66
C GLN A 10 -5.34 1.05 -8.38
N CYS A 11 -5.06 -0.12 -8.96
CA CYS A 11 -5.77 -1.36 -8.65
C CYS A 11 -5.67 -1.69 -7.16
N ARG A 12 -6.76 -2.20 -6.56
CA ARG A 12 -6.81 -2.39 -5.09
C ARG A 12 -6.60 -3.83 -4.62
N LEU A 13 -6.43 -4.79 -5.56
CA LEU A 13 -6.09 -6.18 -5.23
C LEU A 13 -4.59 -6.31 -4.90
N ASP A 14 -3.74 -5.79 -5.77
CA ASP A 14 -2.27 -5.90 -5.73
C ASP A 14 -1.59 -4.55 -5.47
N GLY A 15 -2.11 -3.47 -6.07
CA GLY A 15 -1.58 -2.12 -6.02
C GLY A 15 -1.09 -1.56 -7.37
N LEU A 16 -1.30 -2.25 -8.52
CA LEU A 16 -0.64 -1.83 -9.77
C LEU A 16 -1.36 -0.66 -10.45
N CYS A 17 -0.64 0.02 -11.35
CA CYS A 17 -0.96 1.34 -11.86
C CYS A 17 -1.36 1.31 -13.34
N ILE A 18 -2.59 1.71 -13.70
CA ILE A 18 -3.14 1.44 -15.05
C ILE A 18 -3.71 2.68 -15.79
N PRO A 19 -3.58 2.72 -17.13
CA PRO A 19 -3.90 3.93 -17.89
C PRO A 19 -5.40 4.22 -17.96
N LEU A 20 -5.83 5.18 -17.14
CA LEU A 20 -7.24 5.34 -16.66
C LEU A 20 -8.21 5.89 -17.72
N ARG A 21 -7.67 6.40 -18.82
CA ARG A 21 -8.34 6.32 -20.13
C ARG A 21 -9.06 4.97 -20.43
N TRP A 22 -8.73 3.87 -19.73
CA TRP A 22 -9.34 2.54 -19.83
C TRP A 22 -10.04 2.03 -18.53
N ARG A 23 -10.49 2.97 -17.66
CA ARG A 23 -11.56 2.72 -16.67
C ARG A 23 -13.00 2.90 -17.22
N CYS A 24 -13.35 2.25 -18.34
CA CYS A 24 -14.69 2.07 -18.95
C CYS A 24 -14.64 1.55 -20.40
N ASP A 25 -14.20 0.30 -20.56
CA ASP A 25 -14.17 -0.42 -21.85
C ASP A 25 -14.64 -1.85 -21.70
N GLY A 26 -14.02 -2.60 -20.77
CA GLY A 26 -14.28 -4.02 -20.56
C GLY A 26 -13.01 -4.85 -20.57
N ASP A 27 -11.82 -4.24 -20.68
CA ASP A 27 -10.58 -4.92 -20.34
C ASP A 27 -10.38 -4.78 -18.83
N THR A 28 -10.44 -5.90 -18.13
CA THR A 28 -10.08 -5.96 -16.71
C THR A 28 -8.55 -5.84 -16.61
N ASP A 29 -8.06 -4.62 -16.85
CA ASP A 29 -6.68 -4.28 -17.11
C ASP A 29 -5.97 -3.80 -15.84
N CYS A 30 -6.73 -3.43 -14.79
CA CYS A 30 -6.33 -3.65 -13.40
C CYS A 30 -6.47 -5.14 -13.07
N MET A 31 -5.51 -5.69 -12.31
CA MET A 31 -5.34 -7.09 -11.87
C MET A 31 -6.56 -7.76 -11.21
N ASP A 32 -7.62 -7.00 -10.90
CA ASP A 32 -8.96 -7.47 -10.57
C ASP A 32 -9.91 -7.32 -11.78
N SER A 33 -10.57 -6.16 -11.85
CA SER A 33 -11.70 -5.80 -12.73
C SER A 33 -12.16 -4.35 -12.53
N SER A 34 -11.50 -3.63 -11.63
CA SER A 34 -12.00 -2.41 -10.98
C SER A 34 -11.66 -1.16 -11.77
N ASP A 35 -11.00 -1.33 -12.93
CA ASP A 35 -11.14 -0.41 -14.04
C ASP A 35 -12.61 -0.21 -14.44
N GLU A 36 -13.43 -1.27 -14.61
CA GLU A 36 -14.85 -1.06 -15.01
C GLU A 36 -15.95 -1.83 -14.31
N LYS A 37 -15.67 -2.70 -13.34
CA LYS A 37 -16.66 -3.44 -12.53
C LYS A 37 -17.77 -2.59 -11.87
N SER A 38 -17.64 -1.27 -11.89
CA SER A 38 -18.65 -0.29 -11.44
C SER A 38 -18.88 0.90 -12.40
N CYS A 39 -18.56 0.80 -13.71
CA CYS A 39 -18.91 1.84 -14.70
C CYS A 39 -20.10 1.49 -15.62
N GLU A 40 -20.63 0.28 -15.47
CA GLU A 40 -21.57 -0.36 -16.40
C GLU A 40 -22.88 -0.74 -15.71
N GLY A 41 -23.97 -0.83 -16.48
CA GLY A 41 -25.23 -1.45 -16.10
C GLY A 41 -25.99 -1.94 -17.34
N VAL A 42 -26.92 -2.89 -17.14
CA VAL A 42 -27.69 -3.54 -18.21
C VAL A 42 -28.51 -2.52 -19.01
N PRO A 1 0.02 -0.42 0.54
CA PRO A 1 -0.48 -0.54 1.90
C PRO A 1 -0.28 0.78 2.68
N GLY A 2 -0.90 1.86 2.21
CA GLY A 2 -0.77 3.20 2.79
C GLY A 2 -1.85 4.16 2.31
N GLY A 3 -1.61 4.87 1.21
CA GLY A 3 -2.50 5.94 0.73
C GLY A 3 -2.42 7.22 1.57
N CYS A 4 -3.42 8.10 1.41
CA CYS A 4 -3.46 9.45 1.97
C CYS A 4 -4.71 9.70 2.85
N HIS A 5 -5.88 9.66 2.22
CA HIS A 5 -7.25 9.86 2.70
C HIS A 5 -8.16 9.17 1.68
N THR A 6 -9.49 9.36 1.82
CA THR A 6 -10.53 8.67 1.07
C THR A 6 -10.23 8.70 -0.41
N ASP A 7 -9.92 7.54 -0.99
CA ASP A 7 -9.63 7.42 -2.42
C ASP A 7 -8.49 8.33 -2.93
N GLU A 8 -7.84 9.14 -2.07
CA GLU A 8 -6.93 10.27 -2.44
C GLU A 8 -5.53 9.77 -2.85
N PHE A 9 -4.79 10.60 -3.60
CA PHE A 9 -3.61 10.17 -4.33
C PHE A 9 -2.32 10.64 -3.65
N GLN A 10 -1.31 9.78 -3.52
CA GLN A 10 0.00 10.22 -3.03
C GLN A 10 0.93 10.53 -4.21
N CYS A 11 1.37 11.78 -4.28
CA CYS A 11 2.36 12.27 -5.22
C CYS A 11 3.68 11.49 -5.07
N ARG A 12 4.31 11.14 -6.21
CA ARG A 12 5.56 10.36 -6.24
C ARG A 12 6.83 11.21 -6.30
N LEU A 13 6.69 12.52 -6.50
CA LEU A 13 7.79 13.48 -6.58
C LEU A 13 8.29 13.88 -5.18
N ASP A 14 7.36 14.14 -4.25
CA ASP A 14 7.63 14.61 -2.89
C ASP A 14 6.94 13.74 -1.83
N GLY A 15 5.63 13.51 -1.99
CA GLY A 15 4.77 12.76 -1.08
C GLY A 15 3.40 13.39 -0.80
N LEU A 16 3.05 14.57 -1.34
CA LEU A 16 1.79 15.25 -0.98
C LEU A 16 0.53 14.52 -1.51
N CYS A 17 -0.64 14.88 -0.99
CA CYS A 17 -1.88 14.10 -1.13
C CYS A 17 -2.97 14.86 -1.91
N ILE A 18 -3.54 14.29 -2.99
CA ILE A 18 -4.47 15.04 -3.87
C ILE A 18 -5.83 14.36 -4.15
N PRO A 19 -6.89 15.16 -4.37
CA PRO A 19 -8.24 14.60 -4.41
C PRO A 19 -8.53 13.86 -5.72
N LEU A 20 -8.49 12.52 -5.66
CA LEU A 20 -8.28 11.61 -6.81
C LEU A 20 -9.46 11.51 -7.80
N ARG A 21 -10.64 12.01 -7.41
CA ARG A 21 -11.62 12.51 -8.41
C ARG A 21 -11.00 13.45 -9.49
N TRP A 22 -9.77 13.96 -9.31
CA TRP A 22 -9.00 14.78 -10.24
C TRP A 22 -7.68 14.09 -10.75
N ARG A 23 -7.66 12.74 -10.78
CA ARG A 23 -6.71 12.00 -11.64
C ARG A 23 -7.08 11.83 -13.13
N CYS A 24 -7.97 12.66 -13.72
CA CYS A 24 -8.20 12.67 -15.19
C CYS A 24 -9.08 13.84 -15.67
N ASP A 25 -8.45 14.99 -15.86
CA ASP A 25 -9.07 16.31 -16.07
C ASP A 25 -8.15 17.24 -16.87
N GLY A 26 -6.88 17.27 -16.48
CA GLY A 26 -5.82 18.04 -17.10
C GLY A 26 -5.01 18.89 -16.10
N ASP A 27 -5.29 18.86 -14.79
CA ASP A 27 -4.57 19.68 -13.82
C ASP A 27 -3.57 18.83 -13.01
N THR A 28 -2.28 19.18 -13.07
CA THR A 28 -1.29 18.48 -12.27
C THR A 28 -1.39 18.90 -10.80
N ASP A 29 -2.37 18.37 -10.07
CA ASP A 29 -2.60 18.59 -8.64
C ASP A 29 -1.38 18.13 -7.81
N CYS A 30 -0.83 16.93 -8.08
CA CYS A 30 0.47 16.49 -7.55
C CYS A 30 1.62 17.36 -8.11
N MET A 31 2.67 17.53 -7.30
CA MET A 31 3.94 18.25 -7.52
C MET A 31 4.77 17.80 -8.74
N ASP A 32 4.21 16.96 -9.61
CA ASP A 32 4.72 16.66 -10.95
C ASP A 32 3.56 16.71 -11.98
N SER A 33 2.87 15.58 -12.15
CA SER A 33 1.89 15.35 -13.24
C SER A 33 1.17 13.99 -13.15
N SER A 34 1.47 13.23 -12.09
CA SER A 34 1.12 11.81 -11.93
C SER A 34 -0.29 11.62 -11.38
N ASP A 35 -1.05 12.71 -11.19
CA ASP A 35 -2.50 12.70 -11.35
C ASP A 35 -2.84 11.85 -12.58
N GLU A 36 -2.34 12.29 -13.74
CA GLU A 36 -3.04 12.00 -15.00
C GLU A 36 -2.17 11.74 -16.23
N LYS A 37 -0.84 11.80 -16.07
CA LYS A 37 0.19 11.32 -17.02
C LYS A 37 0.04 9.87 -17.53
N SER A 38 -0.98 9.15 -17.05
CA SER A 38 -1.31 7.76 -17.36
C SER A 38 -2.82 7.49 -17.56
N CYS A 39 -3.65 8.52 -17.74
CA CYS A 39 -5.10 8.36 -17.95
C CYS A 39 -5.59 8.64 -19.38
N GLU A 40 -4.65 8.74 -20.34
CA GLU A 40 -4.86 9.22 -21.72
C GLU A 40 -5.19 10.73 -21.77
N GLY A 41 -4.51 11.54 -20.94
CA GLY A 41 -4.64 12.99 -20.82
C GLY A 41 -4.25 13.84 -22.04
N VAL A 42 -4.41 13.32 -23.26
CA VAL A 42 -4.24 14.06 -24.53
C VAL A 42 -5.20 13.51 -25.60
N PRO A 1 -0.30 -0.60 1.71
CA PRO A 1 -1.60 -1.22 1.51
C PRO A 1 -2.46 -1.19 2.78
N GLY A 2 -3.79 -1.20 2.61
CA GLY A 2 -4.77 -1.17 3.70
C GLY A 2 -4.96 -2.51 4.43
N GLY A 3 -3.90 -3.33 4.54
CA GLY A 3 -3.95 -4.68 5.09
C GLY A 3 -3.08 -5.67 4.31
N CYS A 4 -3.20 -6.95 4.66
CA CYS A 4 -2.39 -8.07 4.14
C CYS A 4 -3.24 -9.06 3.32
N HIS A 5 -4.12 -9.77 4.02
CA HIS A 5 -5.09 -10.81 3.64
C HIS A 5 -6.10 -10.88 4.79
N THR A 6 -7.10 -11.77 4.63
CA THR A 6 -8.40 -11.75 5.32
C THR A 6 -8.24 -11.46 6.79
N ASP A 7 -8.56 -10.23 7.20
CA ASP A 7 -8.56 -9.82 8.60
C ASP A 7 -7.24 -10.10 9.35
N GLU A 8 -6.14 -10.44 8.65
CA GLU A 8 -4.80 -10.73 9.21
C GLU A 8 -4.11 -9.46 9.77
N PHE A 9 -2.98 -9.63 10.49
CA PHE A 9 -2.33 -8.57 11.23
C PHE A 9 -1.05 -8.09 10.53
N GLN A 10 -0.80 -6.77 10.47
CA GLN A 10 0.51 -6.27 9.99
C GLN A 10 1.30 -5.57 11.10
N CYS A 11 2.53 -6.04 11.35
CA CYS A 11 3.43 -5.40 12.30
C CYS A 11 4.15 -4.17 11.72
N ARG A 12 4.87 -3.47 12.62
CA ARG A 12 5.56 -2.21 12.34
C ARG A 12 7.07 -2.25 12.61
N LEU A 13 7.59 -3.32 13.24
CA LEU A 13 9.03 -3.52 13.46
C LEU A 13 9.79 -3.77 12.15
N ASP A 14 9.10 -4.37 11.18
CA ASP A 14 9.62 -4.80 9.89
C ASP A 14 8.51 -4.61 8.82
N GLY A 15 7.34 -5.22 9.02
CA GLY A 15 6.18 -5.16 8.14
C GLY A 15 5.44 -6.49 7.90
N LEU A 16 5.76 -7.60 8.58
CA LEU A 16 5.18 -8.91 8.21
C LEU A 16 3.67 -9.02 8.48
N CYS A 17 3.04 -10.06 7.93
CA CYS A 17 1.59 -10.29 7.91
C CYS A 17 1.24 -11.63 8.61
N ILE A 18 0.38 -11.62 9.66
CA ILE A 18 0.14 -12.84 10.48
C ILE A 18 -1.34 -13.20 10.70
N PRO A 19 -1.66 -14.50 10.85
CA PRO A 19 -3.06 -14.93 10.93
C PRO A 19 -3.73 -14.52 12.25
N LEU A 20 -4.60 -13.50 12.19
CA LEU A 20 -5.05 -12.68 13.33
C LEU A 20 -5.99 -13.39 14.31
N ARG A 21 -6.52 -14.57 13.92
CA ARG A 21 -6.88 -15.60 14.91
C ARG A 21 -5.82 -15.87 16.02
N TRP A 22 -4.57 -15.40 15.86
CA TRP A 22 -3.44 -15.49 16.81
C TRP A 22 -2.93 -14.08 17.26
N ARG A 23 -3.77 -13.02 17.17
CA ARG A 23 -3.62 -11.77 17.97
C ARG A 23 -4.12 -11.87 19.43
N CYS A 24 -4.27 -13.08 19.98
CA CYS A 24 -4.74 -13.31 21.36
C CYS A 24 -4.68 -14.81 21.72
N ASP A 25 -3.48 -15.39 21.76
CA ASP A 25 -3.26 -16.81 22.07
C ASP A 25 -2.27 -17.03 23.22
N GLY A 26 -1.27 -16.15 23.37
CA GLY A 26 -0.27 -16.18 24.44
C GLY A 26 1.19 -16.28 23.95
N ASP A 27 1.44 -16.56 22.67
CA ASP A 27 2.75 -16.43 22.03
C ASP A 27 2.56 -15.73 20.65
N THR A 28 3.67 -15.29 20.06
CA THR A 28 3.74 -14.09 19.24
C THR A 28 4.24 -14.43 17.84
N ASP A 29 3.32 -14.47 16.89
CA ASP A 29 3.50 -14.69 15.46
C ASP A 29 4.22 -13.50 14.79
N CYS A 30 3.93 -12.24 15.15
CA CYS A 30 4.70 -11.10 14.67
C CYS A 30 6.18 -11.15 15.12
N MET A 31 7.03 -10.48 14.33
CA MET A 31 8.43 -10.06 14.55
C MET A 31 8.75 -9.39 15.91
N ASP A 32 7.76 -9.15 16.79
CA ASP A 32 7.96 -8.57 18.13
C ASP A 32 7.07 -9.22 19.21
N SER A 33 5.74 -8.98 19.19
CA SER A 33 4.81 -9.08 20.34
C SER A 33 3.40 -8.47 20.10
N SER A 34 3.24 -7.59 19.09
CA SER A 34 2.08 -6.72 18.90
C SER A 34 0.88 -7.45 18.29
N ASP A 35 1.01 -8.76 18.09
CA ASP A 35 -0.11 -9.68 18.15
C ASP A 35 -0.96 -9.37 19.39
N GLU A 36 -0.33 -9.36 20.57
CA GLU A 36 -1.10 -9.65 21.80
C GLU A 36 -0.64 -8.89 23.05
N LYS A 37 0.35 -8.01 22.89
CA LYS A 37 0.77 -6.93 23.81
C LYS A 37 -0.32 -5.99 24.34
N SER A 38 -1.58 -6.25 23.99
CA SER A 38 -2.79 -5.52 24.39
C SER A 38 -4.03 -6.42 24.56
N CYS A 39 -3.86 -7.75 24.66
CA CYS A 39 -4.97 -8.70 24.85
C CYS A 39 -4.99 -9.36 26.24
N GLU A 40 -4.16 -8.87 27.16
CA GLU A 40 -4.08 -9.29 28.57
C GLU A 40 -4.95 -8.40 29.48
N GLY A 41 -5.06 -8.77 30.76
CA GLY A 41 -5.80 -8.04 31.78
C GLY A 41 -5.42 -8.50 33.20
N VAL A 42 -6.06 -7.89 34.21
CA VAL A 42 -5.80 -8.13 35.64
C VAL A 42 -4.29 -8.13 35.95
N PRO A 1 6.58 5.08 3.19
CA PRO A 1 7.34 4.66 4.37
C PRO A 1 6.47 4.66 5.64
N GLY A 2 6.94 3.97 6.68
CA GLY A 2 6.24 3.80 7.96
C GLY A 2 6.24 5.03 8.88
N GLY A 3 6.17 6.24 8.32
CA GLY A 3 6.21 7.51 9.04
C GLY A 3 6.62 8.69 8.14
N CYS A 4 6.58 9.90 8.71
CA CYS A 4 6.81 11.16 7.99
C CYS A 4 8.16 11.80 8.35
N HIS A 5 8.26 12.33 9.58
CA HIS A 5 9.37 12.90 10.34
C HIS A 5 9.09 12.55 11.83
N THR A 6 9.91 13.04 12.77
CA THR A 6 10.07 12.53 14.14
C THR A 6 8.74 12.30 14.82
N ASP A 7 8.33 11.04 14.92
CA ASP A 7 7.08 10.68 15.60
C ASP A 7 5.84 11.44 15.07
N GLU A 8 5.91 12.11 13.90
CA GLU A 8 4.81 12.82 13.22
C GLU A 8 3.73 11.86 12.71
N PHE A 9 2.55 12.40 12.34
CA PHE A 9 1.39 11.60 12.02
C PHE A 9 1.16 11.52 10.51
N GLN A 10 0.84 10.33 9.99
CA GLN A 10 0.31 10.23 8.62
C GLN A 10 -1.21 10.10 8.66
N CYS A 11 -1.89 11.11 8.12
CA CYS A 11 -3.33 11.15 7.92
C CYS A 11 -3.81 9.95 7.09
N ARG A 12 -4.94 9.34 7.47
CA ARG A 12 -5.46 8.12 6.81
C ARG A 12 -6.38 8.45 5.62
N LEU A 13 -6.90 9.67 5.54
CA LEU A 13 -7.83 10.10 4.48
C LEU A 13 -7.11 10.24 3.13
N ASP A 14 -6.02 11.01 3.10
CA ASP A 14 -5.27 11.39 1.90
C ASP A 14 -3.82 10.89 1.92
N GLY A 15 -3.16 10.97 3.08
CA GLY A 15 -1.76 10.65 3.31
C GLY A 15 -0.93 11.80 3.89
N LEU A 16 -1.50 12.98 4.21
CA LEU A 16 -0.67 14.12 4.62
C LEU A 16 -0.04 13.93 6.01
N CYS A 17 1.04 14.67 6.28
CA CYS A 17 1.94 14.46 7.43
C CYS A 17 1.86 15.62 8.45
N ILE A 18 1.59 15.33 9.75
CA ILE A 18 1.41 16.41 10.76
C ILE A 18 2.20 16.30 12.07
N PRO A 19 2.60 17.45 12.66
CA PRO A 19 3.43 17.45 13.86
C PRO A 19 2.68 16.96 15.09
N LEU A 20 3.01 15.72 15.51
CA LEU A 20 2.15 14.86 16.37
C LEU A 20 2.13 15.28 17.85
N ARG A 21 2.99 16.24 18.22
CA ARG A 21 2.69 17.18 19.31
C ARG A 21 1.26 17.81 19.29
N TRP A 22 0.51 17.71 18.16
CA TRP A 22 -0.88 18.14 17.98
C TRP A 22 -1.86 16.93 17.71
N ARG A 23 -1.52 15.73 18.20
CA ARG A 23 -2.51 14.66 18.44
C ARG A 23 -2.87 14.55 19.92
N CYS A 24 -3.93 15.28 20.32
CA CYS A 24 -4.58 15.47 21.65
C CYS A 24 -4.84 16.95 22.01
N ASP A 25 -4.69 17.90 21.08
CA ASP A 25 -4.98 19.31 21.35
C ASP A 25 -6.50 19.60 21.29
N GLY A 26 -7.23 18.85 20.45
CA GLY A 26 -8.69 18.91 20.35
C GLY A 26 -9.23 19.49 19.03
N ASP A 27 -8.36 20.04 18.17
CA ASP A 27 -8.66 20.35 16.76
C ASP A 27 -7.55 19.74 15.89
N THR A 28 -7.79 19.67 14.57
CA THR A 28 -7.40 18.53 13.75
C THR A 28 -6.59 18.97 12.54
N ASP A 29 -5.28 18.76 12.61
CA ASP A 29 -4.27 19.00 11.60
C ASP A 29 -4.37 18.02 10.41
N CYS A 30 -4.62 16.71 10.63
CA CYS A 30 -4.96 15.78 9.55
C CYS A 30 -6.28 16.16 8.86
N MET A 31 -6.35 15.96 7.54
CA MET A 31 -7.42 16.26 6.60
C MET A 31 -8.83 15.74 6.99
N ASP A 32 -8.91 14.77 7.90
CA ASP A 32 -10.14 14.22 8.48
C ASP A 32 -10.37 14.78 9.91
N SER A 33 -9.81 14.10 10.92
CA SER A 33 -10.11 14.25 12.35
C SER A 33 -9.14 13.45 13.24
N SER A 34 -8.25 12.69 12.59
CA SER A 34 -7.67 11.45 13.05
C SER A 34 -6.43 11.70 13.93
N ASP A 35 -6.07 12.99 14.06
CA ASP A 35 -5.26 13.52 15.14
C ASP A 35 -5.82 13.09 16.50
N GLU A 36 -7.12 13.33 16.71
CA GLU A 36 -7.71 13.26 18.05
C GLU A 36 -9.03 12.49 18.15
N LYS A 37 -9.55 11.95 17.05
CA LYS A 37 -10.76 11.11 17.02
C LYS A 37 -10.77 9.88 17.94
N SER A 38 -9.61 9.56 18.53
CA SER A 38 -9.38 8.52 19.54
C SER A 38 -8.43 8.95 20.68
N CYS A 39 -8.24 10.26 20.91
CA CYS A 39 -7.33 10.81 21.94
C CYS A 39 -8.08 11.30 23.20
N GLU A 40 -9.31 10.83 23.40
CA GLU A 40 -10.16 11.10 24.57
C GLU A 40 -10.86 9.81 25.02
N GLY A 41 -11.38 9.77 26.25
CA GLY A 41 -12.01 8.59 26.84
C GLY A 41 -12.46 8.84 28.29
N VAL A 42 -12.86 7.76 28.98
CA VAL A 42 -13.40 7.74 30.35
C VAL A 42 -12.71 8.74 31.29
N PRO A 1 3.52 -0.13 3.58
CA PRO A 1 3.42 -1.54 3.96
C PRO A 1 4.08 -2.43 2.90
N GLY A 2 4.53 -3.63 3.32
CA GLY A 2 5.23 -4.58 2.48
C GLY A 2 5.91 -5.64 3.34
N GLY A 3 6.76 -6.42 2.69
CA GLY A 3 7.64 -7.44 3.26
C GLY A 3 8.77 -7.77 2.29
N CYS A 4 9.74 -8.57 2.74
CA CYS A 4 11.02 -8.77 2.06
C CYS A 4 11.21 -10.23 1.60
N HIS A 5 11.53 -11.11 2.55
CA HIS A 5 11.68 -12.57 2.56
C HIS A 5 11.29 -13.03 3.97
N THR A 6 11.40 -14.33 4.28
CA THR A 6 10.73 -15.03 5.39
C THR A 6 10.84 -14.28 6.69
N ASP A 7 9.74 -13.64 7.11
CA ASP A 7 9.68 -12.92 8.37
C ASP A 7 10.80 -11.88 8.56
N GLU A 8 11.54 -11.50 7.50
CA GLU A 8 12.62 -10.48 7.48
C GLU A 8 12.05 -9.06 7.74
N PHE A 9 12.95 -8.09 8.01
CA PHE A 9 12.58 -6.77 8.48
C PHE A 9 12.63 -5.74 7.36
N GLN A 10 11.62 -4.88 7.24
CA GLN A 10 11.70 -3.73 6.34
C GLN A 10 11.85 -2.43 7.15
N CYS A 11 13.00 -1.77 6.97
CA CYS A 11 13.26 -0.42 7.43
C CYS A 11 12.27 0.57 6.77
N ARG A 12 11.98 1.70 7.44
CA ARG A 12 11.01 2.70 6.98
C ARG A 12 11.64 4.05 6.60
N LEU A 13 12.94 4.23 6.84
CA LEU A 13 13.71 5.37 6.35
C LEU A 13 13.83 5.33 4.81
N ASP A 14 14.21 4.16 4.28
CA ASP A 14 14.58 3.93 2.88
C ASP A 14 13.81 2.76 2.23
N GLY A 15 13.68 1.64 2.95
CA GLY A 15 13.17 0.35 2.46
C GLY A 15 14.12 -0.82 2.66
N LEU A 16 15.25 -0.66 3.38
CA LEU A 16 16.23 -1.72 3.66
C LEU A 16 15.57 -2.99 4.24
N CYS A 17 15.88 -4.15 3.65
CA CYS A 17 15.34 -5.48 4.00
C CYS A 17 16.39 -6.36 4.73
N ILE A 18 16.16 -6.79 5.99
CA ILE A 18 17.18 -7.54 6.77
C ILE A 18 16.75 -8.81 7.53
N PRO A 19 17.68 -9.77 7.74
CA PRO A 19 17.33 -11.06 8.35
C PRO A 19 16.95 -10.91 9.83
N LEU A 20 15.64 -11.05 10.11
CA LEU A 20 14.97 -10.51 11.32
C LEU A 20 15.38 -11.20 12.64
N ARG A 21 16.08 -12.33 12.54
CA ARG A 21 16.90 -12.86 13.63
C ARG A 21 17.93 -11.84 14.18
N TRP A 22 18.19 -10.74 13.48
CA TRP A 22 19.04 -9.60 13.85
C TRP A 22 18.23 -8.37 14.38
N ARG A 23 16.97 -8.58 14.77
CA ARG A 23 16.23 -7.61 15.61
C ARG A 23 16.42 -7.70 17.14
N CYS A 24 17.52 -8.26 17.67
CA CYS A 24 17.72 -8.35 19.13
C CYS A 24 19.17 -8.70 19.55
N ASP A 25 20.12 -7.85 19.19
CA ASP A 25 21.58 -8.07 19.25
C ASP A 25 22.31 -6.76 19.57
N GLY A 26 21.95 -5.68 18.87
CA GLY A 26 22.45 -4.33 19.05
C GLY A 26 23.04 -3.70 17.80
N ASP A 27 23.02 -4.36 16.62
CA ASP A 27 23.47 -3.74 15.38
C ASP A 27 22.29 -3.11 14.63
N THR A 28 22.36 -1.80 14.36
CA THR A 28 21.31 -1.16 13.57
C THR A 28 21.47 -1.53 12.08
N ASP A 29 21.08 -2.75 11.71
CA ASP A 29 21.08 -3.27 10.35
C ASP A 29 20.17 -2.40 9.44
N CYS A 30 18.99 -1.98 9.94
CA CYS A 30 18.17 -0.90 9.38
C CYS A 30 18.81 0.48 9.62
N MET A 31 18.80 1.29 8.55
CA MET A 31 19.34 2.66 8.41
C MET A 31 18.87 3.68 9.47
N ASP A 32 17.87 3.33 10.30
CA ASP A 32 17.45 4.05 11.50
C ASP A 32 18.04 3.37 12.75
N SER A 33 17.32 2.44 13.39
CA SER A 33 17.69 1.64 14.58
C SER A 33 16.66 0.54 14.86
N SER A 34 15.72 0.37 13.94
CA SER A 34 14.39 -0.22 14.11
C SER A 34 14.42 -1.75 14.02
N ASP A 35 15.62 -2.32 13.77
CA ASP A 35 15.98 -3.63 14.28
C ASP A 35 15.46 -3.77 15.71
N GLU A 36 15.96 -2.90 16.60
CA GLU A 36 16.05 -3.25 18.03
C GLU A 36 15.90 -2.08 19.00
N LYS A 37 15.47 -0.92 18.50
CA LYS A 37 14.89 0.24 19.21
C LYS A 37 13.75 -0.06 20.21
N SER A 38 13.45 -1.34 20.44
CA SER A 38 12.50 -1.90 21.41
C SER A 38 12.87 -3.30 21.94
N CYS A 39 14.13 -3.74 21.79
CA CYS A 39 14.60 -5.10 22.18
C CYS A 39 15.69 -5.07 23.26
N GLU A 40 15.70 -4.02 24.11
CA GLU A 40 16.49 -3.96 25.33
C GLU A 40 16.05 -5.00 26.38
N GLY A 41 16.83 -5.14 27.45
CA GLY A 41 16.56 -6.08 28.56
C GLY A 41 17.51 -7.27 28.66
N VAL A 42 18.51 -7.36 27.77
CA VAL A 42 19.53 -8.42 27.67
C VAL A 42 20.09 -8.79 29.05
N PRO A 1 4.45 6.82 -3.94
CA PRO A 1 4.36 7.35 -5.30
C PRO A 1 5.37 8.51 -5.52
N GLY A 2 6.66 8.16 -5.59
CA GLY A 2 7.77 9.06 -5.85
C GLY A 2 8.66 8.52 -6.98
N GLY A 3 9.91 8.98 -7.00
CA GLY A 3 10.92 8.64 -7.99
C GLY A 3 12.25 9.37 -7.76
N CYS A 4 13.22 9.10 -8.62
CA CYS A 4 14.60 9.59 -8.52
C CYS A 4 14.87 10.78 -9.46
N HIS A 5 14.91 10.47 -10.77
CA HIS A 5 15.10 11.27 -11.97
C HIS A 5 14.36 10.51 -13.10
N THR A 6 14.53 10.91 -14.36
CA THR A 6 13.67 10.61 -15.53
C THR A 6 13.45 9.11 -15.78
N ASP A 7 12.39 8.53 -15.20
CA ASP A 7 12.13 7.09 -15.08
C ASP A 7 13.26 6.27 -14.42
N GLU A 8 14.24 6.91 -13.77
CA GLU A 8 15.32 6.25 -13.01
C GLU A 8 14.80 5.37 -11.86
N PHE A 9 15.59 4.36 -11.47
CA PHE A 9 15.14 3.24 -10.67
C PHE A 9 15.52 3.43 -9.20
N GLN A 10 14.62 3.18 -8.26
CA GLN A 10 14.97 3.22 -6.84
C GLN A 10 15.13 1.79 -6.30
N CYS A 11 16.35 1.46 -5.89
CA CYS A 11 16.69 0.20 -5.23
C CYS A 11 15.89 0.01 -3.94
N ARG A 12 15.49 -1.23 -3.61
CA ARG A 12 14.76 -1.50 -2.36
C ARG A 12 15.64 -1.82 -1.14
N LEU A 13 16.95 -2.04 -1.36
CA LEU A 13 17.89 -2.40 -0.28
C LEU A 13 18.25 -1.17 0.57
N ASP A 14 18.88 -0.16 -0.07
CA ASP A 14 19.37 1.07 0.57
C ASP A 14 18.83 2.35 -0.09
N GLY A 15 17.94 2.23 -1.09
CA GLY A 15 17.20 3.37 -1.64
C GLY A 15 17.91 4.13 -2.77
N LEU A 16 19.07 3.68 -3.25
CA LEU A 16 19.84 4.44 -4.25
C LEU A 16 19.18 4.39 -5.65
N CYS A 17 19.58 5.34 -6.50
CA CYS A 17 18.86 5.74 -7.71
C CYS A 17 19.68 5.46 -8.98
N ILE A 18 19.17 4.65 -9.94
CA ILE A 18 19.98 4.22 -11.09
C ILE A 18 19.35 4.44 -12.49
N PRO A 19 20.18 4.68 -13.53
CA PRO A 19 19.65 5.08 -14.84
C PRO A 19 18.96 3.91 -15.53
N LEU A 20 17.61 3.94 -15.56
CA LEU A 20 16.74 2.74 -15.70
C LEU A 20 16.82 2.05 -17.09
N ARG A 21 17.45 2.73 -18.04
CA ARG A 21 18.09 2.14 -19.23
C ARG A 21 18.94 0.89 -18.91
N TRP A 22 19.42 0.76 -17.67
CA TRP A 22 20.29 -0.28 -17.14
C TRP A 22 19.53 -1.35 -16.29
N ARG A 23 18.19 -1.41 -16.44
CA ARG A 23 17.40 -2.57 -15.98
C ARG A 23 17.35 -3.80 -16.93
N CYS A 24 18.29 -4.00 -17.87
CA CYS A 24 18.29 -5.14 -18.82
C CYS A 24 19.61 -5.23 -19.61
N ASP A 25 20.69 -5.62 -18.93
CA ASP A 25 22.08 -5.60 -19.43
C ASP A 25 22.92 -6.67 -18.76
N GLY A 26 22.77 -6.81 -17.44
CA GLY A 26 23.34 -7.83 -16.60
C GLY A 26 24.16 -7.29 -15.44
N ASP A 27 24.22 -5.96 -15.22
CA ASP A 27 25.02 -5.38 -14.14
C ASP A 27 24.14 -4.94 -12.95
N THR A 28 24.46 -5.42 -11.74
CA THR A 28 23.71 -5.04 -10.55
C THR A 28 24.04 -3.60 -10.12
N ASP A 29 23.52 -2.64 -10.87
CA ASP A 29 23.50 -1.20 -10.64
C ASP A 29 22.80 -0.86 -9.31
N CYS A 30 21.67 -1.51 -9.01
CA CYS A 30 21.08 -1.43 -7.68
C CYS A 30 21.84 -2.34 -6.70
N MET A 31 21.93 -1.86 -5.45
CA MET A 31 22.51 -2.41 -4.21
C MET A 31 22.06 -3.84 -3.83
N ASP A 32 21.31 -4.54 -4.69
CA ASP A 32 21.00 -5.97 -4.55
C ASP A 32 21.18 -6.78 -5.85
N SER A 33 20.48 -6.40 -6.93
CA SER A 33 20.12 -7.20 -8.12
C SER A 33 18.92 -6.66 -8.91
N SER A 34 18.12 -5.75 -8.34
CA SER A 34 16.76 -5.47 -8.79
C SER A 34 16.67 -4.39 -9.85
N ASP A 35 17.80 -3.89 -10.39
CA ASP A 35 17.82 -3.52 -11.80
C ASP A 35 17.30 -4.68 -12.66
N GLU A 36 17.76 -5.94 -12.45
CA GLU A 36 17.50 -6.95 -13.49
C GLU A 36 17.55 -8.43 -13.11
N LYS A 37 17.27 -8.81 -11.86
CA LYS A 37 17.11 -10.21 -11.39
C LYS A 37 16.12 -11.12 -12.18
N SER A 38 15.57 -10.65 -13.31
CA SER A 38 14.82 -11.42 -14.30
C SER A 38 15.08 -11.00 -15.78
N CYS A 39 16.18 -10.28 -16.06
CA CYS A 39 16.62 -9.86 -17.39
C CYS A 39 18.13 -10.08 -17.53
N GLU A 40 18.51 -11.37 -17.55
CA GLU A 40 19.88 -11.88 -17.43
C GLU A 40 20.53 -11.47 -16.08
N GLY A 41 21.87 -11.34 -16.02
CA GLY A 41 22.59 -10.87 -14.84
C GLY A 41 22.42 -11.72 -13.58
N VAL A 42 22.80 -13.00 -13.63
CA VAL A 42 22.72 -13.94 -12.48
C VAL A 42 24.01 -14.73 -12.32
N PRO A 1 -0.59 1.73 2.04
CA PRO A 1 -0.53 1.01 3.31
C PRO A 1 -1.75 0.08 3.51
N GLY A 2 -1.91 -0.91 2.64
CA GLY A 2 -2.91 -1.99 2.74
C GLY A 2 -4.34 -1.59 2.39
N GLY A 3 -4.61 -0.33 2.03
CA GLY A 3 -5.92 0.16 1.64
C GLY A 3 -5.86 1.51 0.93
N CYS A 4 -6.99 1.90 0.31
CA CYS A 4 -7.11 3.08 -0.55
C CYS A 4 -6.98 4.40 0.24
N HIS A 5 -7.95 4.65 1.11
CA HIS A 5 -8.25 5.75 2.04
C HIS A 5 -9.18 5.14 3.12
N THR A 6 -9.57 5.93 4.14
CA THR A 6 -10.06 5.47 5.45
C THR A 6 -11.05 4.34 5.35
N ASP A 7 -10.58 3.12 5.62
CA ASP A 7 -11.42 1.93 5.64
C ASP A 7 -12.25 1.71 4.33
N GLU A 8 -11.93 2.41 3.23
CA GLU A 8 -12.57 2.30 1.90
C GLU A 8 -12.40 0.91 1.27
N PHE A 9 -13.20 0.60 0.24
CA PHE A 9 -13.24 -0.72 -0.36
C PHE A 9 -12.43 -0.78 -1.64
N GLN A 10 -11.64 -1.84 -1.86
CA GLN A 10 -11.07 -2.09 -3.18
C GLN A 10 -11.88 -3.15 -3.94
N CYS A 11 -12.42 -2.73 -5.09
CA CYS A 11 -13.09 -3.56 -6.07
C CYS A 11 -12.16 -4.67 -6.56
N ARG A 12 -12.41 -5.94 -6.23
CA ARG A 12 -11.53 -7.05 -6.63
C ARG A 12 -11.56 -7.27 -8.15
N LEU A 13 -12.63 -6.83 -8.83
CA LEU A 13 -12.81 -7.06 -10.25
C LEU A 13 -11.79 -6.24 -11.07
N ASP A 14 -11.86 -4.91 -10.95
CA ASP A 14 -11.02 -3.93 -11.65
C ASP A 14 -9.83 -3.47 -10.80
N GLY A 15 -10.09 -3.08 -9.54
CA GLY A 15 -9.13 -2.43 -8.66
C GLY A 15 -9.57 -1.07 -8.11
N LEU A 16 -10.70 -0.47 -8.52
CA LEU A 16 -11.08 0.87 -8.06
C LEU A 16 -11.54 0.91 -6.58
N CYS A 17 -11.56 2.11 -5.99
CA CYS A 17 -11.66 2.35 -4.54
C CYS A 17 -12.97 3.07 -4.17
N ILE A 18 -13.79 2.54 -3.22
CA ILE A 18 -15.13 3.12 -2.93
C ILE A 18 -15.44 3.36 -1.44
N PRO A 19 -16.24 4.41 -1.12
CA PRO A 19 -16.40 4.83 0.27
C PRO A 19 -17.23 3.83 1.07
N LEU A 20 -16.57 3.09 1.97
CA LEU A 20 -17.07 1.81 2.50
C LEU A 20 -18.28 1.92 3.46
N ARG A 21 -18.60 3.14 3.89
CA ARG A 21 -19.98 3.49 4.30
C ARG A 21 -21.08 2.97 3.34
N TRP A 22 -20.74 2.65 2.08
CA TRP A 22 -21.61 2.19 0.99
C TRP A 22 -21.26 0.72 0.56
N ARG A 23 -20.62 -0.08 1.45
CA ARG A 23 -20.66 -1.57 1.38
C ARG A 23 -21.90 -2.23 2.02
N CYS A 24 -23.03 -1.51 2.15
CA CYS A 24 -24.27 -1.97 2.81
C CYS A 24 -25.50 -1.07 2.51
N ASP A 25 -25.47 -0.24 1.46
CA ASP A 25 -26.59 0.63 1.06
C ASP A 25 -27.51 -0.04 0.03
N GLY A 26 -26.93 -0.82 -0.89
CA GLY A 26 -27.60 -1.52 -1.98
C GLY A 26 -27.01 -1.26 -3.38
N ASP A 27 -26.22 -0.21 -3.61
CA ASP A 27 -25.68 0.12 -4.93
C ASP A 27 -24.27 -0.46 -5.20
N THR A 28 -24.10 -1.07 -6.37
CA THR A 28 -22.79 -1.60 -6.77
C THR A 28 -21.85 -0.45 -7.21
N ASP A 29 -21.23 0.25 -6.25
CA ASP A 29 -20.17 1.26 -6.46
C ASP A 29 -18.92 0.63 -7.13
N CYS A 30 -18.48 -0.56 -6.70
CA CYS A 30 -17.51 -1.38 -7.42
C CYS A 30 -18.10 -1.91 -8.73
N MET A 31 -17.25 -2.05 -9.76
CA MET A 31 -17.54 -2.56 -11.11
C MET A 31 -18.33 -3.89 -11.15
N ASP A 32 -18.24 -4.73 -10.11
CA ASP A 32 -19.04 -5.94 -9.98
C ASP A 32 -20.27 -5.70 -9.07
N SER A 33 -20.15 -5.98 -7.78
CA SER A 33 -21.28 -6.06 -6.82
C SER A 33 -20.84 -6.25 -5.36
N SER A 34 -19.53 -6.29 -5.14
CA SER A 34 -18.86 -6.75 -3.92
C SER A 34 -18.72 -5.65 -2.87
N ASP A 35 -19.29 -4.47 -3.16
CA ASP A 35 -19.88 -3.62 -2.13
C ASP A 35 -20.72 -4.50 -1.18
N GLU A 36 -21.74 -5.18 -1.73
CA GLU A 36 -22.87 -5.60 -0.89
C GLU A 36 -23.61 -6.84 -1.35
N LYS A 37 -23.01 -7.68 -2.20
CA LYS A 37 -23.42 -9.07 -2.47
C LYS A 37 -23.53 -10.00 -1.25
N SER A 38 -23.39 -9.47 -0.03
CA SER A 38 -23.73 -10.10 1.26
C SER A 38 -24.31 -9.11 2.29
N CYS A 39 -24.82 -7.94 1.84
CA CYS A 39 -25.44 -6.90 2.68
C CYS A 39 -26.66 -6.25 2.00
N GLU A 40 -27.39 -7.03 1.18
CA GLU A 40 -28.65 -6.62 0.54
C GLU A 40 -29.74 -6.34 1.60
N GLY A 41 -30.60 -5.35 1.36
CA GLY A 41 -31.53 -4.81 2.36
C GLY A 41 -32.49 -3.75 1.79
N VAL A 42 -33.18 -3.04 2.69
CA VAL A 42 -34.17 -2.00 2.34
C VAL A 42 -33.92 -0.72 3.15
N PRO A 1 1.09 0.70 2.93
CA PRO A 1 -0.09 -0.06 3.37
C PRO A 1 -0.22 -0.02 4.90
N GLY A 2 -0.59 1.15 5.45
CA GLY A 2 -0.76 1.38 6.89
C GLY A 2 -2.08 0.82 7.41
N GLY A 3 -3.13 1.66 7.40
CA GLY A 3 -4.45 1.28 7.93
C GLY A 3 -4.43 0.98 9.43
N CYS A 4 -5.38 0.14 9.87
CA CYS A 4 -5.65 -0.17 11.28
C CYS A 4 -5.51 -1.67 11.59
N HIS A 5 -6.56 -2.43 11.26
CA HIS A 5 -6.85 -3.87 11.32
C HIS A 5 -7.91 -4.11 10.20
N THR A 6 -8.39 -5.36 10.04
CA THR A 6 -9.04 -5.88 8.81
C THR A 6 -10.07 -4.93 8.27
N ASP A 7 -9.72 -4.20 7.19
CA ASP A 7 -10.63 -3.28 6.53
C ASP A 7 -11.28 -2.23 7.47
N GLU A 8 -10.78 -2.05 8.71
CA GLU A 8 -11.24 -1.07 9.72
C GLU A 8 -11.06 0.39 9.24
N PHE A 9 -11.73 1.34 9.90
CA PHE A 9 -11.80 2.72 9.45
C PHE A 9 -10.85 3.62 10.27
N GLN A 10 -10.16 4.55 9.63
CA GLN A 10 -9.35 5.54 10.34
C GLN A 10 -10.03 6.93 10.31
N CYS A 11 -10.46 7.40 11.49
CA CYS A 11 -11.20 8.64 11.71
C CYS A 11 -10.39 9.88 11.29
N ARG A 12 -10.72 10.53 10.17
CA ARG A 12 -9.93 11.62 9.58
C ARG A 12 -9.91 12.87 10.45
N LEU A 13 -10.80 12.95 11.45
CA LEU A 13 -10.81 14.01 12.44
C LEU A 13 -9.56 13.97 13.35
N ASP A 14 -9.07 12.77 13.66
CA ASP A 14 -8.35 12.49 14.90
C ASP A 14 -7.29 11.37 14.74
N GLY A 15 -7.65 10.28 14.06
CA GLY A 15 -6.79 9.15 13.72
C GLY A 15 -7.20 7.79 14.30
N LEU A 16 -8.24 7.67 15.14
CA LEU A 16 -8.57 6.39 15.78
C LEU A 16 -9.20 5.39 14.79
N CYS A 17 -9.14 4.11 15.16
CA CYS A 17 -9.37 2.96 14.29
C CYS A 17 -10.64 2.20 14.68
N ILE A 18 -11.64 2.09 13.78
CA ILE A 18 -12.97 1.56 14.15
C ILE A 18 -13.49 0.40 13.28
N PRO A 19 -14.24 -0.55 13.87
CA PRO A 19 -14.59 -1.79 13.16
C PRO A 19 -15.61 -1.52 12.05
N LEU A 20 -15.13 -1.56 10.80
CA LEU A 20 -15.78 -0.92 9.63
C LEU A 20 -17.09 -1.61 9.18
N ARG A 21 -17.39 -2.78 9.73
CA ARG A 21 -18.79 -3.25 9.86
C ARG A 21 -19.77 -2.17 10.38
N TRP A 22 -19.28 -1.10 11.03
CA TRP A 22 -20.04 0.01 11.62
C TRP A 22 -19.84 1.36 10.85
N ARG A 23 -19.37 1.31 9.58
CA ARG A 23 -19.44 2.45 8.64
C ARG A 23 -20.79 2.67 7.89
N CYS A 24 -21.96 2.26 8.41
CA CYS A 24 -23.30 2.53 7.83
C CYS A 24 -24.47 1.91 8.63
N ASP A 25 -24.81 2.54 9.75
CA ASP A 25 -25.69 2.03 10.82
C ASP A 25 -26.34 3.20 11.57
N GLY A 26 -25.51 4.16 12.02
CA GLY A 26 -25.90 5.37 12.71
C GLY A 26 -25.22 5.54 14.07
N ASP A 27 -24.33 4.63 14.51
CA ASP A 27 -23.51 4.91 15.68
C ASP A 27 -22.33 5.81 15.25
N THR A 28 -22.31 7.04 15.77
CA THR A 28 -21.23 7.98 15.42
C THR A 28 -19.97 7.58 16.20
N ASP A 29 -19.31 6.52 15.73
CA ASP A 29 -18.40 5.66 16.47
C ASP A 29 -16.92 5.91 16.10
N CYS A 30 -16.64 6.59 14.96
CA CYS A 30 -15.44 7.44 14.85
C CYS A 30 -15.64 8.70 15.71
N MET A 31 -14.53 9.35 16.10
CA MET A 31 -14.40 10.56 16.94
C MET A 31 -15.22 11.79 16.50
N ASP A 32 -15.94 11.72 15.37
CA ASP A 32 -16.96 12.68 14.94
C ASP A 32 -18.26 11.93 14.59
N SER A 33 -18.29 11.24 13.43
CA SER A 33 -19.43 10.55 12.81
C SER A 33 -19.11 10.00 11.41
N SER A 34 -17.85 10.09 10.94
CA SER A 34 -17.42 9.82 9.57
C SER A 34 -17.27 8.32 9.29
N ASP A 35 -17.58 7.48 10.28
CA ASP A 35 -18.13 6.17 10.04
C ASP A 35 -19.31 6.25 9.06
N GLU A 36 -20.23 7.22 9.18
CA GLU A 36 -21.39 7.23 8.26
C GLU A 36 -21.86 8.59 7.73
N LYS A 37 -21.22 9.69 8.11
CA LYS A 37 -21.36 11.04 7.50
C LYS A 37 -21.00 11.11 6.00
N SER A 38 -20.90 9.98 5.29
CA SER A 38 -20.67 9.88 3.84
C SER A 38 -21.09 8.51 3.23
N CYS A 39 -21.98 7.75 3.87
CA CYS A 39 -22.47 6.45 3.34
C CYS A 39 -23.94 6.44 2.89
N GLU A 40 -24.62 7.58 3.01
CA GLU A 40 -26.06 7.71 2.82
C GLU A 40 -26.48 7.60 1.34
N GLY A 41 -27.30 6.59 1.02
CA GLY A 41 -27.90 6.39 -0.29
C GLY A 41 -27.23 5.28 -1.11
N VAL A 42 -27.72 5.06 -2.34
CA VAL A 42 -27.19 4.05 -3.27
C VAL A 42 -25.81 4.47 -3.75
N PRO A 1 6.31 5.91 -4.56
CA PRO A 1 7.70 6.24 -4.85
C PRO A 1 7.88 7.73 -5.23
N GLY A 2 7.59 8.63 -4.27
CA GLY A 2 7.66 10.08 -4.40
C GLY A 2 8.73 10.67 -3.50
N GLY A 3 9.94 10.87 -4.04
CA GLY A 3 11.06 11.50 -3.34
C GLY A 3 11.78 12.55 -4.21
N CYS A 4 12.49 13.47 -3.55
CA CYS A 4 13.17 14.62 -4.17
C CYS A 4 14.49 14.26 -4.88
N HIS A 5 15.33 13.54 -4.15
CA HIS A 5 16.74 13.22 -4.34
C HIS A 5 17.16 12.35 -3.14
N THR A 6 18.44 11.96 -3.10
CA THR A 6 18.92 10.79 -2.36
C THR A 6 18.49 10.82 -0.92
N ASP A 7 17.46 10.03 -0.60
CA ASP A 7 16.95 9.93 0.76
C ASP A 7 16.60 11.31 1.40
N GLU A 8 16.48 12.39 0.61
CA GLU A 8 16.16 13.78 1.03
C GLU A 8 14.70 13.92 1.53
N PHE A 9 14.37 15.05 2.19
CA PHE A 9 13.10 15.21 2.89
C PHE A 9 12.15 16.16 2.14
N GLN A 10 10.84 15.86 2.06
CA GLN A 10 9.88 16.83 1.49
C GLN A 10 8.90 17.33 2.57
N CYS A 11 8.85 18.66 2.75
CA CYS A 11 7.97 19.27 3.75
C CYS A 11 6.55 19.48 3.25
N ARG A 12 5.57 18.95 3.99
CA ARG A 12 4.13 18.99 3.68
C ARG A 12 3.48 20.34 3.96
N LEU A 13 4.24 21.30 4.50
CA LEU A 13 3.81 22.69 4.69
C LEU A 13 3.68 23.43 3.34
N ASP A 14 4.66 23.23 2.45
CA ASP A 14 4.82 23.99 1.20
C ASP A 14 5.16 23.09 0.00
N GLY A 15 6.16 22.22 0.15
CA GLY A 15 6.65 21.27 -0.83
C GLY A 15 8.18 21.24 -1.02
N LEU A 16 8.98 21.99 -0.23
CA LEU A 16 10.43 22.06 -0.51
C LEU A 16 11.17 20.78 -0.10
N CYS A 17 12.37 20.59 -0.64
CA CYS A 17 13.16 19.36 -0.60
C CYS A 17 14.51 19.58 0.12
N ILE A 18 14.80 18.86 1.22
CA ILE A 18 15.94 19.20 2.10
C ILE A 18 16.90 18.04 2.43
N PRO A 19 18.20 18.33 2.59
CA PRO A 19 19.21 17.26 2.72
C PRO A 19 19.12 16.54 4.06
N LEU A 20 18.56 15.33 4.02
CA LEU A 20 17.92 14.64 5.18
C LEU A 20 18.91 14.09 6.22
N ARG A 21 20.19 14.05 5.86
CA ARG A 21 21.28 14.18 6.84
C ARG A 21 21.08 15.28 7.92
N TRP A 22 20.17 16.25 7.73
CA TRP A 22 19.80 17.30 8.67
C TRP A 22 18.29 17.26 9.13
N ARG A 23 17.69 16.06 9.14
CA ARG A 23 16.51 15.74 9.98
C ARG A 23 16.77 15.36 11.47
N CYS A 24 17.74 15.94 12.19
CA CYS A 24 18.04 15.60 13.61
C CYS A 24 19.13 16.50 14.24
N ASP A 25 18.96 17.82 14.17
CA ASP A 25 20.02 18.78 14.53
C ASP A 25 19.46 19.91 15.40
N GLY A 26 18.35 20.53 14.99
CA GLY A 26 17.69 21.57 15.79
C GLY A 26 17.91 22.97 15.24
N ASP A 27 18.53 23.07 14.07
CA ASP A 27 18.28 24.15 13.12
C ASP A 27 17.69 23.50 11.87
N THR A 28 16.85 24.32 11.22
CA THR A 28 15.60 23.93 10.58
C THR A 28 15.70 24.22 9.09
N ASP A 29 16.02 23.17 8.34
CA ASP A 29 16.24 23.16 6.91
C ASP A 29 14.94 23.35 6.11
N CYS A 30 13.81 22.82 6.61
CA CYS A 30 12.51 22.99 5.95
C CYS A 30 11.88 24.37 6.27
N MET A 31 10.88 24.76 5.46
CA MET A 31 10.07 25.98 5.60
C MET A 31 9.40 26.16 6.99
N ASP A 32 9.28 25.08 7.78
CA ASP A 32 8.82 25.07 9.17
C ASP A 32 9.93 24.54 10.10
N SER A 33 9.94 23.24 10.38
CA SER A 33 10.76 22.60 11.43
C SER A 33 10.70 21.06 11.39
N SER A 34 9.98 20.49 10.42
CA SER A 34 9.51 19.10 10.39
C SER A 34 10.63 18.12 10.04
N ASP A 35 11.81 18.65 9.68
CA ASP A 35 13.08 17.96 9.76
C ASP A 35 13.33 17.40 11.18
N GLU A 36 13.07 18.15 12.26
CA GLU A 36 13.34 17.65 13.64
C GLU A 36 12.36 18.09 14.73
N LYS A 37 11.13 18.48 14.38
CA LYS A 37 10.06 18.77 15.35
C LYS A 37 9.69 17.60 16.29
N SER A 38 10.31 16.43 16.10
CA SER A 38 10.32 15.27 17.00
C SER A 38 11.72 14.64 17.20
N CYS A 39 12.82 15.33 16.87
CA CYS A 39 14.20 14.94 17.17
C CYS A 39 14.90 16.07 17.96
N GLU A 40 14.32 16.35 19.13
CA GLU A 40 14.77 17.31 20.16
C GLU A 40 14.96 18.79 19.72
N GLY A 41 14.64 19.11 18.47
CA GLY A 41 14.81 20.41 17.84
C GLY A 41 13.75 21.43 18.27
N VAL A 42 14.16 22.45 19.04
CA VAL A 42 13.32 23.58 19.46
C VAL A 42 13.90 24.91 19.00
N PRO A 1 3.36 5.16 -5.92
CA PRO A 1 4.00 4.98 -7.23
C PRO A 1 4.72 6.26 -7.70
N GLY A 2 5.90 6.53 -7.11
CA GLY A 2 6.73 7.70 -7.41
C GLY A 2 7.69 7.46 -8.57
N GLY A 3 8.78 6.72 -8.32
CA GLY A 3 9.84 6.47 -9.29
C GLY A 3 11.16 6.04 -8.63
N CYS A 4 12.20 5.88 -9.45
CA CYS A 4 13.51 5.36 -9.07
C CYS A 4 14.65 6.36 -9.36
N HIS A 5 15.07 6.41 -10.63
CA HIS A 5 16.00 7.28 -11.35
C HIS A 5 15.41 7.47 -12.77
N THR A 6 16.08 8.24 -13.62
CA THR A 6 15.52 8.92 -14.81
C THR A 6 14.65 7.99 -15.63
N ASP A 7 13.33 8.16 -15.51
CA ASP A 7 12.38 7.39 -16.29
C ASP A 7 12.56 5.86 -16.19
N GLU A 8 13.31 5.34 -15.20
CA GLU A 8 13.52 3.89 -14.91
C GLU A 8 12.22 3.17 -14.50
N PHE A 9 12.23 1.83 -14.51
CA PHE A 9 11.04 1.02 -14.30
C PHE A 9 11.01 0.42 -12.88
N GLN A 10 9.86 0.48 -12.18
CA GLN A 10 9.74 -0.11 -10.84
C GLN A 10 8.91 -1.41 -10.86
N CYS A 11 9.55 -2.50 -10.47
CA CYS A 11 9.01 -3.84 -10.38
C CYS A 11 7.96 -3.98 -9.26
N ARG A 12 6.67 -4.12 -9.60
CA ARG A 12 5.58 -4.20 -8.60
C ARG A 12 5.69 -5.46 -7.73
N LEU A 13 6.37 -6.50 -8.23
CA LEU A 13 6.53 -7.79 -7.58
C LEU A 13 7.31 -7.68 -6.24
N ASP A 14 8.29 -6.77 -6.20
CA ASP A 14 9.32 -6.73 -5.15
C ASP A 14 9.77 -5.29 -4.78
N GLY A 15 9.71 -4.36 -5.74
CA GLY A 15 10.09 -2.95 -5.58
C GLY A 15 11.32 -2.50 -6.38
N LEU A 16 12.08 -3.39 -7.04
CA LEU A 16 13.37 -3.01 -7.64
C LEU A 16 13.22 -2.16 -8.91
N CYS A 17 14.33 -1.52 -9.31
CA CYS A 17 14.37 -0.44 -10.29
C CYS A 17 15.25 -0.81 -11.50
N ILE A 18 14.74 -0.74 -12.74
CA ILE A 18 15.53 -1.14 -13.94
C ILE A 18 15.63 -0.07 -15.04
N PRO A 19 16.78 -0.02 -15.76
CA PRO A 19 17.00 1.02 -16.77
C PRO A 19 16.05 0.86 -17.95
N LEU A 20 15.06 1.76 -18.03
CA LEU A 20 13.80 1.56 -18.77
C LEU A 20 13.96 1.56 -20.30
N ARG A 21 15.15 1.93 -20.79
CA ARG A 21 15.67 1.42 -22.07
C ARG A 21 15.39 -0.08 -22.33
N TRP A 22 15.20 -0.89 -21.28
CA TRP A 22 14.97 -2.34 -21.32
C TRP A 22 13.52 -2.76 -20.92
N ARG A 23 12.56 -1.82 -20.90
CA ARG A 23 11.12 -2.17 -20.87
C ARG A 23 10.51 -2.77 -22.15
N CYS A 24 11.28 -3.27 -23.14
CA CYS A 24 10.68 -3.55 -24.47
C CYS A 24 11.46 -4.54 -25.36
N ASP A 25 11.96 -5.63 -24.80
CA ASP A 25 12.88 -6.56 -25.49
C ASP A 25 12.50 -8.01 -25.27
N GLY A 26 12.56 -8.48 -24.02
CA GLY A 26 12.41 -9.88 -23.66
C GLY A 26 13.41 -10.35 -22.59
N ASP A 27 14.33 -9.49 -22.14
CA ASP A 27 15.19 -9.76 -21.01
C ASP A 27 14.46 -9.34 -19.73
N THR A 28 14.02 -10.30 -18.91
CA THR A 28 13.07 -9.95 -17.85
C THR A 28 13.82 -9.30 -16.68
N ASP A 29 14.08 -7.99 -16.79
CA ASP A 29 15.00 -7.27 -15.90
C ASP A 29 14.37 -7.04 -14.52
N CYS A 30 13.08 -6.67 -14.48
CA CYS A 30 12.24 -6.78 -13.29
C CYS A 30 12.13 -8.25 -12.84
N MET A 31 12.00 -8.44 -11.52
CA MET A 31 11.77 -9.65 -10.72
C MET A 31 10.53 -10.50 -11.12
N ASP A 32 9.93 -10.23 -12.27
CA ASP A 32 8.90 -11.03 -12.93
C ASP A 32 9.15 -11.08 -14.47
N SER A 33 8.58 -10.12 -15.20
CA SER A 33 8.48 -10.07 -16.68
C SER A 33 7.99 -8.72 -17.21
N SER A 34 7.64 -7.83 -16.28
CA SER A 34 6.78 -6.66 -16.47
C SER A 34 7.55 -5.45 -17.01
N ASP A 35 8.85 -5.63 -17.25
CA ASP A 35 9.57 -4.93 -18.29
C ASP A 35 8.69 -4.89 -19.53
N GLU A 36 8.42 -6.06 -20.10
CA GLU A 36 8.01 -6.16 -21.51
C GLU A 36 6.76 -7.00 -21.74
N LYS A 37 6.17 -7.57 -20.67
CA LYS A 37 4.79 -8.05 -20.58
C LYS A 37 3.71 -7.00 -20.95
N SER A 38 4.13 -5.76 -21.22
CA SER A 38 3.35 -4.67 -21.79
C SER A 38 4.23 -3.75 -22.66
N CYS A 39 5.02 -4.32 -23.59
CA CYS A 39 5.73 -3.61 -24.67
C CYS A 39 6.24 -4.62 -25.70
N GLU A 40 5.37 -4.96 -26.66
CA GLU A 40 5.71 -5.83 -27.79
C GLU A 40 6.82 -5.25 -28.70
N GLY A 41 7.80 -6.10 -29.05
CA GLY A 41 8.99 -5.71 -29.80
C GLY A 41 8.75 -5.52 -31.31
N VAL A 42 7.89 -4.57 -31.67
CA VAL A 42 7.53 -4.23 -33.07
C VAL A 42 8.77 -4.06 -33.95
N PRO A 1 0.21 -0.81 -1.94
CA PRO A 1 -0.58 -1.61 -1.01
C PRO A 1 -0.62 -0.97 0.40
N GLY A 2 -1.54 -1.46 1.23
CA GLY A 2 -1.72 -1.01 2.62
C GLY A 2 -1.48 -2.09 3.68
N GLY A 3 -0.99 -3.27 3.28
CA GLY A 3 -0.81 -4.43 4.14
C GLY A 3 -0.61 -5.72 3.33
N CYS A 4 -0.47 -6.85 4.02
CA CYS A 4 -0.05 -8.14 3.48
C CYS A 4 -1.12 -9.24 3.65
N HIS A 5 -1.26 -9.72 4.88
CA HIS A 5 -2.19 -10.67 5.52
C HIS A 5 -2.25 -10.27 7.01
N THR A 6 -3.06 -10.96 7.84
CA THR A 6 -3.53 -10.55 9.17
C THR A 6 -2.46 -9.82 9.94
N ASP A 7 -2.60 -8.50 10.05
CA ASP A 7 -1.72 -7.64 10.85
C ASP A 7 -0.22 -7.74 10.51
N GLU A 8 0.18 -8.52 9.50
CA GLU A 8 1.58 -8.76 9.07
C GLU A 8 2.23 -7.47 8.54
N PHE A 9 3.57 -7.42 8.56
CA PHE A 9 4.32 -6.18 8.48
C PHE A 9 5.00 -6.03 7.11
N GLN A 10 5.05 -4.81 6.57
CA GLN A 10 5.62 -4.59 5.23
C GLN A 10 6.92 -3.78 5.31
N CYS A 11 8.01 -4.42 4.86
CA CYS A 11 9.33 -3.84 4.79
C CYS A 11 9.37 -2.60 3.89
N ARG A 12 10.04 -1.53 4.34
CA ARG A 12 10.11 -0.26 3.58
C ARG A 12 11.19 -0.29 2.49
N LEU A 13 12.13 -1.25 2.55
CA LEU A 13 13.22 -1.32 1.56
C LEU A 13 12.73 -1.90 0.22
N ASP A 14 12.18 -3.11 0.23
CA ASP A 14 11.77 -3.88 -0.95
C ASP A 14 10.24 -4.02 -1.08
N GLY A 15 9.56 -4.23 0.05
CA GLY A 15 8.13 -4.51 0.15
C GLY A 15 7.79 -5.89 0.72
N LEU A 16 8.76 -6.68 1.25
CA LEU A 16 8.46 -8.02 1.77
C LEU A 16 7.56 -7.98 3.03
N CYS A 17 6.83 -9.08 3.28
CA CYS A 17 5.69 -9.17 4.20
C CYS A 17 5.94 -10.20 5.32
N ILE A 18 5.88 -9.80 6.61
CA ILE A 18 6.42 -10.62 7.72
C ILE A 18 5.49 -10.77 8.94
N PRO A 19 5.53 -11.92 9.65
CA PRO A 19 4.55 -12.19 10.70
C PRO A 19 4.77 -11.35 11.95
N LEU A 20 3.90 -10.33 12.13
CA LEU A 20 4.05 -9.15 12.99
C LEU A 20 4.31 -9.47 14.48
N ARG A 21 3.78 -10.59 14.96
CA ARG A 21 4.25 -11.24 16.20
C ARG A 21 5.79 -11.34 16.37
N TRP A 22 6.58 -11.10 15.31
CA TRP A 22 8.05 -11.07 15.26
C TRP A 22 8.68 -9.72 14.82
N ARG A 23 7.91 -8.63 14.63
CA ARG A 23 8.40 -7.24 14.48
C ARG A 23 8.99 -6.63 15.76
N CYS A 24 9.47 -7.47 16.69
CA CYS A 24 9.75 -7.10 18.09
C CYS A 24 10.34 -8.27 18.89
N ASP A 25 11.44 -8.83 18.40
CA ASP A 25 11.95 -10.15 18.76
C ASP A 25 13.48 -10.17 18.93
N GLY A 26 14.18 -9.11 18.52
CA GLY A 26 15.62 -8.95 18.65
C GLY A 26 16.40 -9.16 17.34
N ASP A 27 15.71 -9.51 16.25
CA ASP A 27 16.22 -9.55 14.88
C ASP A 27 15.09 -9.06 13.94
N THR A 28 15.47 -8.84 12.67
CA THR A 28 14.84 -8.01 11.67
C THR A 28 14.62 -8.78 10.37
N ASP A 29 13.35 -9.07 10.11
CA ASP A 29 12.75 -9.88 9.06
C ASP A 29 12.67 -9.08 7.75
N CYS A 30 12.38 -7.76 7.83
CA CYS A 30 12.56 -6.82 6.73
C CYS A 30 14.03 -6.73 6.28
N MET A 31 14.23 -6.60 4.97
CA MET A 31 15.51 -6.39 4.28
C MET A 31 16.32 -5.18 4.79
N ASP A 32 15.69 -4.23 5.50
CA ASP A 32 16.37 -3.23 6.34
C ASP A 32 16.32 -3.66 7.82
N SER A 33 15.31 -3.16 8.56
CA SER A 33 15.22 -3.21 10.04
C SER A 33 13.95 -2.53 10.58
N SER A 34 13.04 -2.14 9.68
CA SER A 34 11.86 -1.32 9.94
C SER A 34 10.76 -2.08 10.68
N ASP A 35 10.90 -3.41 10.80
CA ASP A 35 10.31 -4.21 11.87
C ASP A 35 10.30 -3.45 13.19
N GLU A 36 11.52 -3.13 13.65
CA GLU A 36 11.78 -3.05 15.10
C GLU A 36 12.84 -2.02 15.51
N LYS A 37 13.29 -1.20 14.54
CA LYS A 37 13.85 0.14 14.75
C LYS A 37 12.98 1.09 15.59
N SER A 38 11.74 0.69 15.87
CA SER A 38 10.87 1.19 16.93
C SER A 38 10.01 0.04 17.50
N CYS A 39 10.65 -0.85 18.28
CA CYS A 39 10.00 -1.65 19.31
C CYS A 39 10.86 -1.59 20.58
N GLU A 40 10.82 -0.41 21.18
CA GLU A 40 11.62 0.07 22.31
C GLU A 40 10.91 -0.17 23.65
N GLY A 41 11.66 -0.08 24.76
CA GLY A 41 11.19 -0.43 26.10
C GLY A 41 12.32 -0.51 27.12
N VAL A 42 12.00 -1.04 28.31
CA VAL A 42 12.92 -1.19 29.44
C VAL A 42 12.84 -2.62 29.98
N PRO A 1 1.84 5.86 -4.51
CA PRO A 1 2.19 7.09 -5.22
C PRO A 1 3.54 6.95 -5.96
N GLY A 2 3.46 6.83 -7.29
CA GLY A 2 4.61 6.68 -8.18
C GLY A 2 4.41 5.59 -9.25
N GLY A 3 3.52 4.62 -9.02
CA GLY A 3 3.22 3.56 -9.99
C GLY A 3 4.42 2.65 -10.29
N CYS A 4 4.57 2.27 -11.57
CA CYS A 4 5.47 1.21 -12.04
C CYS A 4 6.59 1.74 -12.95
N HIS A 5 6.20 2.20 -14.13
CA HIS A 5 6.93 2.80 -15.27
C HIS A 5 5.89 3.60 -16.05
N THR A 6 6.25 4.12 -17.24
CA THR A 6 5.47 5.10 -18.01
C THR A 6 4.04 4.67 -18.14
N ASP A 7 3.16 5.32 -17.37
CA ASP A 7 1.73 5.05 -17.36
C ASP A 7 1.35 3.56 -17.17
N GLU A 8 2.32 2.69 -16.84
CA GLU A 8 2.23 1.22 -16.73
C GLU A 8 1.48 0.85 -15.40
N PHE A 9 0.89 -0.35 -15.33
CA PHE A 9 -0.30 -0.58 -14.52
C PHE A 9 -0.06 -1.57 -13.37
N GLN A 10 -0.65 -1.33 -12.19
CA GLN A 10 -0.43 -2.19 -11.02
C GLN A 10 -1.70 -2.95 -10.63
N CYS A 11 -1.70 -4.28 -10.79
CA CYS A 11 -2.81 -5.11 -10.34
C CYS A 11 -2.81 -5.40 -8.84
N ARG A 12 -3.97 -5.20 -8.21
CA ARG A 12 -4.21 -5.20 -6.77
C ARG A 12 -4.14 -6.60 -6.15
N LEU A 13 -4.17 -7.65 -6.98
CA LEU A 13 -4.07 -9.05 -6.57
C LEU A 13 -2.71 -9.36 -5.93
N ASP A 14 -1.62 -9.06 -6.64
CA ASP A 14 -0.25 -9.45 -6.32
C ASP A 14 0.75 -8.28 -6.37
N GLY A 15 0.39 -7.14 -6.97
CA GLY A 15 1.28 -5.98 -7.10
C GLY A 15 2.32 -6.13 -8.21
N LEU A 16 1.98 -6.77 -9.34
CA LEU A 16 2.86 -6.75 -10.52
C LEU A 16 2.73 -5.40 -11.26
N CYS A 17 3.44 -5.21 -12.37
CA CYS A 17 3.42 -3.99 -13.18
C CYS A 17 3.31 -4.33 -14.68
N ILE A 18 2.29 -3.83 -15.40
CA ILE A 18 1.98 -4.28 -16.78
C ILE A 18 1.86 -3.14 -17.81
N PRO A 19 2.16 -3.40 -19.10
CA PRO A 19 2.19 -2.31 -20.08
C PRO A 19 0.80 -1.83 -20.49
N LEU A 20 0.40 -0.68 -19.94
CA LEU A 20 -1.00 -0.23 -19.71
C LEU A 20 -1.82 -0.10 -21.02
N ARG A 21 -1.11 0.24 -22.09
CA ARG A 21 -1.48 0.14 -23.51
C ARG A 21 -2.14 -1.18 -23.90
N TRP A 22 -2.00 -2.24 -23.08
CA TRP A 22 -2.55 -3.58 -23.29
C TRP A 22 -3.67 -3.97 -22.30
N ARG A 23 -4.29 -2.95 -21.66
CA ARG A 23 -5.52 -3.02 -20.85
C ARG A 23 -6.86 -2.93 -21.64
N CYS A 24 -6.93 -3.23 -22.94
CA CYS A 24 -8.19 -3.13 -23.69
C CYS A 24 -8.14 -3.84 -25.06
N ASP A 25 -8.11 -5.17 -25.07
CA ASP A 25 -7.59 -5.94 -26.22
C ASP A 25 -8.38 -7.24 -26.48
N GLY A 26 -9.06 -7.77 -25.46
CA GLY A 26 -9.83 -9.00 -25.49
C GLY A 26 -9.27 -10.09 -24.57
N ASP A 27 -8.04 -9.95 -24.08
CA ASP A 27 -7.42 -10.76 -23.07
C ASP A 27 -6.46 -9.94 -22.18
N THR A 28 -5.70 -10.68 -21.35
CA THR A 28 -5.56 -10.49 -19.92
C THR A 28 -4.09 -10.42 -19.50
N ASP A 29 -3.59 -9.21 -19.38
CA ASP A 29 -2.21 -8.83 -19.13
C ASP A 29 -1.76 -8.95 -17.68
N CYS A 30 -2.66 -8.84 -16.69
CA CYS A 30 -2.29 -8.82 -15.28
C CYS A 30 -2.50 -10.17 -14.56
N MET A 31 -2.06 -10.26 -13.29
CA MET A 31 -2.16 -11.43 -12.40
C MET A 31 -3.60 -11.91 -12.06
N ASP A 32 -4.62 -11.27 -12.64
CA ASP A 32 -6.04 -11.62 -12.60
C ASP A 32 -6.60 -11.42 -14.03
N SER A 33 -7.08 -10.21 -14.34
CA SER A 33 -7.59 -9.70 -15.62
C SER A 33 -8.01 -8.22 -15.49
N SER A 34 -7.55 -7.52 -14.44
CA SER A 34 -8.01 -6.18 -14.05
C SER A 34 -7.19 -5.06 -14.71
N ASP A 35 -6.29 -5.44 -15.61
CA ASP A 35 -6.08 -4.71 -16.84
C ASP A 35 -7.43 -4.35 -17.50
N GLU A 36 -8.30 -5.31 -17.84
CA GLU A 36 -9.41 -5.00 -18.76
C GLU A 36 -10.81 -5.50 -18.40
N LYS A 37 -10.98 -6.11 -17.21
CA LYS A 37 -12.24 -6.59 -16.61
C LYS A 37 -13.45 -5.63 -16.64
N SER A 38 -13.23 -4.36 -17.00
CA SER A 38 -14.26 -3.34 -17.22
C SER A 38 -13.89 -2.32 -18.32
N CYS A 39 -13.04 -2.68 -19.30
CA CYS A 39 -12.79 -1.84 -20.48
C CYS A 39 -13.92 -1.94 -21.53
N GLU A 40 -15.15 -2.06 -21.03
CA GLU A 40 -16.40 -2.15 -21.80
C GLU A 40 -16.83 -0.81 -22.42
N GLY A 41 -17.79 -0.86 -23.36
CA GLY A 41 -18.27 0.30 -24.10
C GLY A 41 -17.65 0.41 -25.50
N VAL A 42 -17.56 1.64 -26.02
CA VAL A 42 -17.01 1.95 -27.35
C VAL A 42 -16.18 3.23 -27.31
N PRO A 1 -0.57 6.69 -2.50
CA PRO A 1 -1.35 7.73 -1.84
C PRO A 1 -2.74 7.20 -1.38
N GLY A 2 -2.73 6.38 -0.33
CA GLY A 2 -3.89 5.96 0.45
C GLY A 2 -3.85 6.56 1.86
N GLY A 3 -4.45 5.86 2.82
CA GLY A 3 -4.57 6.33 4.20
C GLY A 3 -5.89 7.07 4.47
N CYS A 4 -5.97 7.74 5.61
CA CYS A 4 -7.21 8.19 6.24
C CYS A 4 -7.13 9.66 6.69
N HIS A 5 -6.47 9.90 7.83
CA HIS A 5 -6.07 11.11 8.54
C HIS A 5 -4.72 10.80 9.22
N THR A 6 -4.14 11.77 9.95
CA THR A 6 -2.73 11.84 10.35
C THR A 6 -2.21 10.52 10.87
N ASP A 7 -1.43 9.82 10.05
CA ASP A 7 -0.79 8.57 10.45
C ASP A 7 -1.77 7.50 11.01
N GLU A 8 -3.10 7.67 10.81
CA GLU A 8 -4.17 6.71 11.19
C GLU A 8 -4.10 5.42 10.34
N PHE A 9 -4.83 4.37 10.76
CA PHE A 9 -4.74 3.06 10.17
C PHE A 9 -5.86 2.80 9.17
N GLN A 10 -5.53 2.22 8.01
CA GLN A 10 -6.53 1.78 7.03
C GLN A 10 -6.63 0.24 7.01
N CYS A 11 -7.77 -0.28 7.45
CA CYS A 11 -8.09 -1.70 7.54
C CYS A 11 -8.13 -2.36 6.15
N ARG A 12 -7.21 -3.31 5.88
CA ARG A 12 -7.03 -3.96 4.58
C ARG A 12 -8.22 -4.83 4.13
N LEU A 13 -9.16 -5.07 5.04
CA LEU A 13 -10.30 -5.95 4.84
C LEU A 13 -11.44 -5.29 4.05
N ASP A 14 -11.51 -3.95 4.10
CA ASP A 14 -12.67 -3.15 3.71
C ASP A 14 -12.24 -1.70 3.42
N GLY A 15 -11.76 -0.99 4.44
CA GLY A 15 -11.45 0.43 4.39
C GLY A 15 -11.62 1.21 5.70
N LEU A 16 -12.01 0.56 6.81
CA LEU A 16 -12.13 1.17 8.14
C LEU A 16 -10.85 1.96 8.51
N CYS A 17 -11.02 3.20 8.95
CA CYS A 17 -9.96 4.16 9.27
C CYS A 17 -9.87 4.43 10.80
N ILE A 18 -8.75 4.13 11.48
CA ILE A 18 -8.67 4.27 12.97
C ILE A 18 -7.44 4.97 13.60
N PRO A 19 -7.61 5.60 14.78
CA PRO A 19 -6.52 6.36 15.39
C PRO A 19 -5.37 5.49 15.87
N LEU A 20 -4.25 5.58 15.15
CA LEU A 20 -3.16 4.57 15.11
C LEU A 20 -2.31 4.51 16.41
N ARG A 21 -2.48 5.48 17.31
CA ARG A 21 -2.27 5.25 18.76
C ARG A 21 -2.86 3.91 19.31
N TRP A 22 -3.81 3.26 18.61
CA TRP A 22 -4.43 1.97 18.95
C TRP A 22 -4.02 0.80 18.00
N ARG A 23 -2.92 0.95 17.22
CA ARG A 23 -2.25 -0.19 16.55
C ARG A 23 -1.27 -0.99 17.44
N CYS A 24 -1.55 -1.16 18.74
CA CYS A 24 -0.65 -1.96 19.61
C CYS A 24 -1.24 -2.41 20.96
N ASP A 25 -2.53 -2.25 21.20
CA ASP A 25 -3.11 -2.33 22.55
C ASP A 25 -3.83 -3.66 22.81
N GLY A 26 -4.60 -4.16 21.83
CA GLY A 26 -5.38 -5.39 21.95
C GLY A 26 -6.86 -5.27 21.60
N ASP A 27 -7.43 -4.05 21.55
CA ASP A 27 -8.79 -3.85 21.04
C ASP A 27 -8.78 -3.83 19.51
N THR A 28 -9.49 -4.77 18.88
CA THR A 28 -9.36 -4.93 17.43
C THR A 28 -10.17 -3.84 16.72
N ASP A 29 -9.59 -2.64 16.56
CA ASP A 29 -10.31 -1.47 16.06
C ASP A 29 -10.64 -1.64 14.56
N CYS A 30 -9.67 -2.09 13.75
CA CYS A 30 -9.92 -2.64 12.42
C CYS A 30 -10.72 -3.94 12.48
N MET A 31 -11.58 -4.11 11.48
CA MET A 31 -12.55 -5.16 11.17
C MET A 31 -11.97 -6.60 11.10
N ASP A 32 -10.70 -6.78 11.43
CA ASP A 32 -10.09 -8.06 11.80
C ASP A 32 -9.37 -7.92 13.16
N SER A 33 -8.14 -7.42 13.15
CA SER A 33 -7.19 -7.36 14.29
C SER A 33 -5.86 -6.67 13.95
N SER A 34 -5.77 -6.11 12.74
CA SER A 34 -4.56 -5.67 12.03
C SER A 34 -4.03 -4.34 12.54
N ASP A 35 -4.79 -3.74 13.47
CA ASP A 35 -4.28 -2.91 14.53
C ASP A 35 -3.00 -3.51 15.11
N GLU A 36 -3.11 -4.68 15.73
CA GLU A 36 -2.07 -5.14 16.67
C GLU A 36 -1.51 -6.53 16.36
N LYS A 37 -2.09 -7.24 15.37
CA LYS A 37 -1.60 -8.47 14.71
C LYS A 37 -0.19 -8.38 14.09
N SER A 38 0.62 -7.39 14.46
CA SER A 38 2.02 -7.21 14.05
C SER A 38 2.87 -6.36 15.00
N CYS A 39 2.38 -6.05 16.22
CA CYS A 39 3.16 -5.28 17.20
C CYS A 39 4.13 -6.13 18.04
N GLU A 40 4.18 -7.44 17.76
CA GLU A 40 4.92 -8.49 18.47
C GLU A 40 6.41 -8.48 18.11
N GLY A 41 7.08 -7.36 18.38
CA GLY A 41 8.48 -7.10 18.03
C GLY A 41 9.49 -7.90 18.84
N VAL A 42 9.71 -9.17 18.49
CA VAL A 42 10.74 -10.06 19.06
C VAL A 42 11.71 -10.57 17.99
N PRO A 1 -0.70 -0.47 0.75
CA PRO A 1 -0.99 -1.39 1.84
C PRO A 1 -2.28 -2.23 1.64
N GLY A 2 -2.64 -2.57 0.39
CA GLY A 2 -3.90 -3.21 0.03
C GLY A 2 -3.91 -4.75 0.05
N GLY A 3 -2.75 -5.40 0.20
CA GLY A 3 -2.63 -6.86 0.18
C GLY A 3 -3.02 -7.48 -1.17
N CYS A 4 -3.67 -8.65 -1.11
CA CYS A 4 -4.06 -9.47 -2.26
C CYS A 4 -5.52 -9.95 -2.12
N HIS A 5 -5.74 -10.85 -1.16
CA HIS A 5 -6.96 -11.47 -0.64
C HIS A 5 -6.66 -11.85 0.83
N THR A 6 -7.65 -12.43 1.53
CA THR A 6 -7.76 -12.53 3.00
C THR A 6 -6.45 -12.92 3.66
N ASP A 7 -5.76 -11.95 4.26
CA ASP A 7 -4.53 -12.22 5.00
C ASP A 7 -3.47 -12.99 4.18
N GLU A 8 -3.59 -13.06 2.84
CA GLU A 8 -2.63 -13.67 1.89
C GLU A 8 -1.41 -12.76 1.65
N PHE A 9 -0.40 -13.23 0.89
CA PHE A 9 0.91 -12.61 0.79
C PHE A 9 1.12 -11.90 -0.55
N GLN A 10 1.70 -10.68 -0.53
CA GLN A 10 2.12 -9.96 -1.75
C GLN A 10 3.64 -9.94 -1.88
N CYS A 11 4.14 -10.61 -2.93
CA CYS A 11 5.53 -10.58 -3.38
C CYS A 11 5.90 -9.19 -3.91
N ARG A 12 6.78 -8.48 -3.20
CA ARG A 12 7.15 -7.11 -3.54
C ARG A 12 7.94 -7.01 -4.85
N LEU A 13 8.50 -8.13 -5.34
CA LEU A 13 9.32 -8.19 -6.55
C LEU A 13 8.50 -7.83 -7.81
N ASP A 14 7.52 -8.67 -8.15
CA ASP A 14 6.66 -8.53 -9.35
C ASP A 14 5.15 -8.50 -9.04
N GLY A 15 4.72 -8.81 -7.81
CA GLY A 15 3.30 -8.75 -7.43
C GLY A 15 2.58 -10.10 -7.27
N LEU A 16 3.29 -11.23 -7.27
CA LEU A 16 2.75 -12.56 -6.97
C LEU A 16 1.98 -12.54 -5.63
N CYS A 17 0.73 -13.03 -5.65
CA CYS A 17 -0.19 -13.05 -4.52
C CYS A 17 -0.47 -14.50 -4.04
N ILE A 18 -0.17 -14.89 -2.78
CA ILE A 18 -0.28 -16.31 -2.34
C ILE A 18 -0.90 -16.62 -0.96
N PRO A 19 -1.44 -17.85 -0.78
CA PRO A 19 -2.03 -18.21 0.51
C PRO A 19 -1.00 -18.30 1.63
N LEU A 20 -1.06 -17.34 2.55
CA LEU A 20 -0.03 -16.99 3.56
C LEU A 20 0.12 -18.05 4.67
N ARG A 21 -0.78 -19.04 4.65
CA ARG A 21 -0.52 -20.41 5.12
C ARG A 21 0.87 -20.98 4.68
N TRP A 22 1.49 -20.43 3.62
CA TRP A 22 2.78 -20.80 3.02
C TRP A 22 3.85 -19.68 3.16
N ARG A 23 3.65 -18.68 4.05
CA ARG A 23 4.73 -17.81 4.56
C ARG A 23 5.57 -18.42 5.70
N CYS A 24 5.70 -19.75 5.76
CA CYS A 24 6.53 -20.40 6.79
C CYS A 24 6.93 -21.87 6.53
N ASP A 25 6.71 -22.39 5.32
CA ASP A 25 6.90 -23.81 5.02
C ASP A 25 8.30 -24.11 4.46
N GLY A 26 8.83 -23.23 3.59
CA GLY A 26 10.13 -23.41 2.96
C GLY A 26 10.12 -23.37 1.43
N ASP A 27 8.95 -23.49 0.77
CA ASP A 27 8.86 -23.33 -0.68
C ASP A 27 8.72 -21.85 -1.07
N THR A 28 9.65 -21.33 -1.88
CA THR A 28 9.70 -19.88 -2.10
C THR A 28 8.60 -19.49 -3.10
N ASP A 29 7.36 -19.30 -2.61
CA ASP A 29 6.19 -19.07 -3.46
C ASP A 29 6.31 -17.72 -4.19
N CYS A 30 6.71 -16.66 -3.46
CA CYS A 30 7.18 -15.42 -4.06
C CYS A 30 8.53 -15.59 -4.77
N MET A 31 8.70 -14.84 -5.86
CA MET A 31 9.84 -14.65 -6.77
C MET A 31 11.17 -14.23 -6.10
N ASP A 32 11.23 -14.25 -4.76
CA ASP A 32 12.43 -14.11 -3.95
C ASP A 32 12.47 -15.25 -2.91
N SER A 33 11.91 -15.02 -1.72
CA SER A 33 12.04 -15.87 -0.53
C SER A 33 11.13 -15.42 0.64
N SER A 34 10.41 -14.31 0.45
CA SER A 34 9.83 -13.45 1.49
C SER A 34 8.45 -13.94 1.96
N ASP A 35 8.02 -15.07 1.42
CA ASP A 35 7.27 -16.08 2.13
C ASP A 35 7.86 -16.29 3.51
N GLU A 36 9.06 -16.85 3.58
CA GLU A 36 9.54 -17.49 4.82
C GLU A 36 10.91 -17.01 5.28
N LYS A 37 11.55 -16.11 4.50
CA LYS A 37 12.81 -15.42 4.84
C LYS A 37 12.83 -14.72 6.20
N SER A 38 11.64 -14.46 6.74
CA SER A 38 11.36 -13.76 7.99
C SER A 38 10.45 -14.53 8.96
N CYS A 39 10.20 -15.83 8.74
CA CYS A 39 9.46 -16.68 9.69
C CYS A 39 10.39 -17.17 10.82
N GLU A 40 11.05 -16.19 11.44
CA GLU A 40 12.02 -16.30 12.54
C GLU A 40 13.15 -17.31 12.26
N GLY A 41 13.85 -17.12 11.12
CA GLY A 41 15.03 -17.92 10.77
C GLY A 41 15.93 -17.22 9.74
N VAL A 42 17.24 -17.52 9.82
CA VAL A 42 18.28 -16.91 8.98
C VAL A 42 18.50 -17.74 7.71
#